data_4K3J
#
_entry.id   4K3J
#
_cell.length_a   128.191
_cell.length_b   192.228
_cell.length_c   65.585
_cell.angle_alpha   90.00
_cell.angle_beta   90.00
_cell.angle_gamma   90.00
#
_symmetry.space_group_name_H-M   'P 21 21 2'
#
loop_
_entity.id
_entity.type
_entity.pdbx_description
1 polymer 'Hepatocyte growth factor'
2 polymer 'Hepatocyte growth factor beta chain'
3 polymer 'Onartuzumab Fab heavy chain'
4 polymer 'Onartuzumab Fab light chain'
5 non-polymer 2-acetamido-2-deoxy-beta-D-glucopyranose
6 water water
#
loop_
_entity_poly.entity_id
_entity_poly.type
_entity_poly.pdbx_seq_one_letter_code
_entity_poly.pdbx_strand_id
1 'polypeptide(L)'
;VVNGIPTRTNIGWMVSLRYRNKHICGGSLIKESWVLTARQCFPSRDLKDYEAWLGIHDVHGRGDEKCKQVLNVSQLVYGP
EGSDLVLMKLARPAVLDDFVSTIDLPNYGSTIPEKTSCSVYGWGYTGLINYDGLLRVAHLYIMGNEKCSQHHRGKVTLNE
SEICAGAEKIGSGPCEGDYGGPLVCEQHKMRMVLGVIVPGRGCAIPNRPGIFVRVAYYAKWIHKIILHHHHHH
;
A
2 'polypeptide(L)'
;MKYQLPNFTAETPIQNVILHEHHIFLGATNYIYVLNEEDLQKVAEYKTGPVLEHPDCFPCQDCSSKANLSGGVWKDNINM
ALVVDTYYDDQLISCGSVNRGTCQRHVFPHNHTADIQSEVHCIFSPQIEEPSQCPDCVVSALGAKVLSSVKDRFINFFVG
NTINSSYFPDHPLHSISVRRLKETKDGFMFLTDQSYIDVLPEFRDSYPIKYVHAFESNNFIYFLTVQRETLDAQTFHTRI
IRFCSINSGLHSYMEMPLECILTEKRKKRSTKKEVFNILQAAYVSKPGAQLARQIGASLNDDILFGVFAQSKPDSAEPMD
RSAMCAFPIKYVNDFFNKIVNKNNVRCLQHFYGPNHEHCFNRTLLRNSSGCEARRDEYRTEFTTALQRVDLFMGQFSEVL
LTSISTFIKGDLTIANLGTSEGRFMQVVVSRSGPSTPHVNFLLDSHPVSPEVIVEHTLNQNGYTLVITGKKITKIPLNGL
GCRHFQSCSQCLSAPPFVQCGWCHDKCVRSEECLSGTWTQQICLPAHHHHHHHH
;
B
3 'polypeptide(L)'
;EVQLVESGGGLVQPGGSLRLSCAASGYTFTSYWLHWVRQAPGKGLEWVGMIDPSNSDTRFNPNFKDRFTISADTSKNTAY
LQMNSLRAEDTAVYYCATYRSYVTPLDYWGQGTLVTVSSASTKGPSVFPLAPSSKSTSGGTAALGCLVKDYFPEPVTVSW
NSGALTSGVHTFPAVLQSSGLYSLSSVVTVPSSSLGTQTYICNVNHKPSNTKVDKKVEPKSCDK
;
H
4 'polypeptide(L)'
;DIQMTQSPSSLSASVGDRVTITCKSSQSLLYTSSQKNYLAWYQQKPGKAPKLLIYWASTRESGVPSRFSGSGSGTDFTLT
ISSLQPEDFATYYCQQYYAYPWTFGQGTKVEIKRTVAAPSVFIFPPSDEQLKSGTASVVCLLNNFYPREAKVQWKVDNAL
QSGNSQESVTEQDSKDSTYSLSSTLTLSKADYEKHKVYACEVTHQGLSSPVTKSFNRGEC
;
L
#
# COMPACT_ATOMS: atom_id res chain seq x y z
N VAL A 1 -26.22 -11.86 -28.90
CA VAL A 1 -25.49 -13.14 -29.21
C VAL A 1 -25.19 -13.21 -30.72
N VAL A 2 -23.91 -13.35 -31.04
CA VAL A 2 -23.45 -13.42 -32.41
C VAL A 2 -23.46 -14.86 -32.92
N ASN A 3 -23.94 -15.02 -34.15
CA ASN A 3 -24.05 -16.33 -34.80
C ASN A 3 -24.81 -17.35 -33.97
N GLY A 4 -25.88 -16.88 -33.34
CA GLY A 4 -26.79 -17.72 -32.60
C GLY A 4 -28.10 -17.84 -33.35
N ILE A 5 -29.05 -18.55 -32.74
CA ILE A 5 -30.35 -18.77 -33.34
C ILE A 5 -31.40 -18.20 -32.40
N PRO A 6 -32.53 -17.74 -32.95
CA PRO A 6 -33.61 -17.39 -32.02
C PRO A 6 -34.08 -18.62 -31.24
N THR A 7 -34.44 -18.44 -29.98
CA THR A 7 -35.01 -19.53 -29.18
C THR A 7 -36.44 -19.73 -29.63
N ARG A 8 -36.86 -20.98 -29.78
CA ARG A 8 -38.19 -21.21 -30.30
C ARG A 8 -39.27 -20.73 -29.33
N THR A 9 -38.98 -20.77 -28.03
CA THR A 9 -39.94 -20.36 -27.02
C THR A 9 -39.35 -19.46 -25.96
N ASN A 10 -40.09 -19.29 -24.87
CA ASN A 10 -39.59 -18.60 -23.70
C ASN A 10 -38.57 -19.45 -22.96
N ILE A 11 -37.63 -18.78 -22.31
CA ILE A 11 -36.74 -19.46 -21.39
C ILE A 11 -37.06 -18.97 -19.99
N GLY A 12 -37.64 -19.86 -19.20
CA GLY A 12 -38.19 -19.53 -17.89
C GLY A 12 -37.31 -18.70 -16.96
N TRP A 13 -36.02 -19.00 -16.96
CA TRP A 13 -35.10 -18.41 -16.00
C TRP A 13 -34.42 -17.15 -16.53
N MET A 14 -34.71 -16.77 -17.76
CA MET A 14 -34.05 -15.59 -18.33
C MET A 14 -34.60 -14.28 -17.82
N VAL A 15 -33.72 -13.39 -17.40
CA VAL A 15 -34.11 -12.07 -16.94
C VAL A 15 -33.48 -10.99 -17.80
N SER A 16 -34.29 -10.01 -18.19
CA SER A 16 -33.75 -8.82 -18.84
C SER A 16 -33.67 -7.76 -17.77
N LEU A 17 -32.48 -7.24 -17.56
CA LEU A 17 -32.28 -6.16 -16.58
C LEU A 17 -32.39 -4.84 -17.30
N ARG A 18 -33.22 -3.93 -16.80
CA ARG A 18 -33.39 -2.65 -17.47
C ARG A 18 -32.78 -1.55 -16.64
N TYR A 19 -31.97 -0.71 -17.26
CA TYR A 19 -31.46 0.48 -16.62
C TYR A 19 -32.05 1.66 -17.38
N ARG A 20 -32.66 2.59 -16.65
CA ARG A 20 -33.28 3.75 -17.26
C ARG A 20 -34.16 3.34 -18.42
N ASN A 21 -34.96 2.32 -18.18
CA ASN A 21 -35.97 1.84 -19.14
C ASN A 21 -35.46 1.23 -20.44
N LYS A 22 -34.16 0.91 -20.49
CA LYS A 22 -33.64 0.13 -21.61
C LYS A 22 -33.00 -1.12 -21.09
N HIS A 23 -33.06 -2.18 -21.89
CA HIS A 23 -32.35 -3.40 -21.57
C HIS A 23 -30.88 -3.10 -21.46
N ILE A 24 -30.24 -3.58 -20.39
CA ILE A 24 -28.81 -3.39 -20.24
C ILE A 24 -28.07 -4.73 -20.11
N CYS A 25 -28.76 -5.77 -19.62
CA CYS A 25 -28.10 -7.03 -19.28
C CYS A 25 -29.03 -8.22 -19.17
N GLY A 26 -28.42 -9.40 -19.11
CA GLY A 26 -29.14 -10.64 -18.84
C GLY A 26 -28.96 -11.08 -17.41
N GLY A 27 -29.74 -12.06 -16.99
CA GLY A 27 -29.65 -12.59 -15.64
C GLY A 27 -30.43 -13.88 -15.49
N SER A 28 -30.12 -14.61 -14.43
CA SER A 28 -30.76 -15.88 -14.17
C SER A 28 -31.60 -15.82 -12.91
N LEU A 29 -32.86 -16.20 -13.03
CA LEU A 29 -33.71 -16.30 -11.87
C LEU A 29 -33.35 -17.59 -11.14
N ILE A 30 -32.60 -17.49 -10.05
CA ILE A 30 -32.20 -18.69 -9.34
C ILE A 30 -33.11 -18.99 -8.15
N LYS A 31 -34.00 -18.04 -7.84
CA LYS A 31 -34.97 -18.20 -6.77
C LYS A 31 -36.07 -17.13 -6.87
N GLU A 32 -37.23 -17.40 -6.28
CA GLU A 32 -38.38 -16.51 -6.41
C GLU A 32 -37.98 -15.04 -6.30
N SER A 33 -37.04 -14.74 -5.42
CA SER A 33 -36.65 -13.36 -5.16
C SER A 33 -35.20 -13.05 -5.52
N TRP A 34 -34.51 -13.99 -6.17
CA TRP A 34 -33.11 -13.78 -6.48
C TRP A 34 -32.71 -13.98 -7.93
N VAL A 35 -32.12 -12.94 -8.51
CA VAL A 35 -31.55 -13.00 -9.85
C VAL A 35 -30.02 -12.92 -9.74
N LEU A 36 -29.34 -13.81 -10.45
CA LEU A 36 -27.90 -13.82 -10.51
C LEU A 36 -27.44 -13.10 -11.76
N THR A 37 -26.39 -12.30 -11.66
CA THR A 37 -25.98 -11.49 -12.79
C THR A 37 -24.59 -10.90 -12.57
N ALA A 38 -24.15 -10.04 -13.48
CA ALA A 38 -22.77 -9.55 -13.47
C ALA A 38 -22.62 -8.13 -12.91
N ARG A 39 -21.47 -7.90 -12.26
CA ARG A 39 -21.17 -6.60 -11.68
C ARG A 39 -21.25 -5.44 -12.67
N GLN A 40 -20.78 -5.69 -13.90
CA GLN A 40 -20.74 -4.67 -14.94
C GLN A 40 -22.11 -4.10 -15.31
N CYS A 41 -23.17 -4.65 -14.73
CA CYS A 41 -24.50 -4.31 -15.18
C CYS A 41 -25.10 -3.19 -14.36
N PHE A 42 -24.33 -2.63 -13.44
CA PHE A 42 -24.87 -1.62 -12.54
C PHE A 42 -24.07 -0.34 -12.63
N PRO A 43 -24.46 0.54 -13.55
CA PRO A 43 -23.82 1.85 -13.69
C PRO A 43 -24.14 2.78 -12.50
N SER A 44 -25.25 2.53 -11.82
CA SER A 44 -25.74 3.44 -10.81
C SER A 44 -26.06 2.68 -9.55
N ARG A 45 -25.81 3.34 -8.42
CA ARG A 45 -25.96 2.74 -7.11
C ARG A 45 -27.43 2.89 -6.69
N ASP A 46 -28.14 3.78 -7.38
CA ASP A 46 -29.54 4.10 -7.07
C ASP A 46 -30.52 3.12 -7.70
N LEU A 47 -31.19 2.33 -6.86
CA LEU A 47 -31.99 1.20 -7.33
C LEU A 47 -33.32 1.58 -8.01
N LYS A 48 -33.70 2.86 -7.96
CA LYS A 48 -34.93 3.29 -8.60
C LYS A 48 -34.79 3.13 -10.10
N ASP A 49 -33.55 3.18 -10.60
CA ASP A 49 -33.29 3.13 -12.04
C ASP A 49 -33.41 1.72 -12.65
N TYR A 50 -33.59 0.72 -11.80
CA TYR A 50 -33.56 -0.64 -12.30
C TYR A 50 -34.91 -1.36 -12.26
N GLU A 51 -35.13 -2.20 -13.26
CA GLU A 51 -36.29 -3.09 -13.29
C GLU A 51 -35.88 -4.46 -13.82
N ALA A 52 -36.51 -5.51 -13.30
CA ALA A 52 -36.30 -6.84 -13.84
C ALA A 52 -37.53 -7.25 -14.63
N TRP A 53 -37.31 -7.73 -15.85
CA TRP A 53 -38.38 -8.26 -16.68
C TRP A 53 -38.23 -9.77 -16.81
N LEU A 54 -39.30 -10.48 -16.46
CA LEU A 54 -39.31 -11.94 -16.50
C LEU A 54 -40.41 -12.43 -17.42
N GLY A 55 -40.24 -13.64 -17.93
CA GLY A 55 -41.21 -14.25 -18.83
C GLY A 55 -41.44 -13.45 -20.10
N ILE A 56 -40.36 -12.97 -20.68
CA ILE A 56 -40.44 -12.23 -21.93
C ILE A 56 -39.59 -12.94 -22.97
N HIS A 57 -40.05 -12.91 -24.21
CA HIS A 57 -39.32 -13.50 -25.29
C HIS A 57 -38.67 -12.36 -26.08
N ASP A 58 -39.47 -11.39 -26.46
CA ASP A 58 -39.00 -10.19 -27.15
C ASP A 58 -38.48 -9.18 -26.14
N VAL A 59 -37.27 -8.68 -26.40
CA VAL A 59 -36.59 -7.73 -25.51
C VAL A 59 -37.39 -6.45 -25.19
N HIS A 60 -38.37 -6.10 -26.01
CA HIS A 60 -39.21 -4.94 -25.74
C HIS A 60 -40.56 -5.36 -25.17
N GLY A 61 -40.74 -6.66 -24.97
CA GLY A 61 -41.96 -7.19 -24.41
C GLY A 61 -43.09 -7.32 -25.41
N ARG A 62 -42.83 -6.92 -26.65
CA ARG A 62 -43.83 -7.02 -27.70
C ARG A 62 -44.28 -8.47 -27.90
N GLY A 63 -45.56 -8.71 -27.68
CA GLY A 63 -46.12 -10.05 -27.80
C GLY A 63 -46.25 -10.73 -26.45
N ASP A 64 -45.40 -10.33 -25.51
CA ASP A 64 -45.48 -10.85 -24.15
C ASP A 64 -46.45 -9.98 -23.37
N GLU A 65 -47.64 -10.50 -23.07
CA GLU A 65 -48.62 -9.72 -22.30
C GLU A 65 -49.03 -10.45 -21.04
N LYS A 66 -49.56 -11.67 -21.22
CA LYS A 66 -50.11 -12.43 -20.11
C LYS A 66 -49.05 -13.24 -19.38
N CYS A 67 -47.80 -13.01 -19.75
CA CYS A 67 -46.70 -13.78 -19.19
C CYS A 67 -45.65 -12.92 -18.49
N LYS A 68 -45.49 -11.69 -18.97
CA LYS A 68 -44.42 -10.81 -18.51
C LYS A 68 -44.60 -10.31 -17.08
N GLN A 69 -43.52 -10.35 -16.31
CA GLN A 69 -43.51 -9.84 -14.94
C GLN A 69 -42.44 -8.75 -14.79
N VAL A 70 -42.83 -7.62 -14.22
CA VAL A 70 -41.92 -6.49 -14.01
C VAL A 70 -41.74 -6.18 -12.54
N LEU A 71 -40.53 -6.35 -12.04
CA LEU A 71 -40.28 -6.21 -10.62
C LEU A 71 -39.20 -5.17 -10.33
N ASN A 72 -39.32 -4.51 -9.17
CA ASN A 72 -38.33 -3.56 -8.73
C ASN A 72 -37.18 -4.29 -8.02
N VAL A 73 -36.08 -3.59 -7.80
CA VAL A 73 -34.93 -4.18 -7.13
C VAL A 73 -34.77 -3.54 -5.77
N SER A 74 -34.54 -4.37 -4.75
CA SER A 74 -34.43 -3.87 -3.38
C SER A 74 -33.04 -4.04 -2.77
N GLN A 75 -32.20 -4.85 -3.39
CA GLN A 75 -30.86 -5.10 -2.85
C GLN A 75 -29.90 -5.58 -3.92
N LEU A 76 -28.65 -5.11 -3.82
CA LEU A 76 -27.57 -5.66 -4.61
C LEU A 76 -26.53 -6.27 -3.69
N VAL A 77 -26.30 -7.57 -3.81
CA VAL A 77 -25.33 -8.23 -2.98
C VAL A 77 -24.19 -8.71 -3.85
N TYR A 78 -23.09 -7.96 -3.86
CA TYR A 78 -21.98 -8.24 -4.77
C TYR A 78 -21.22 -9.49 -4.37
N GLY A 79 -20.87 -10.30 -5.35
CA GLY A 79 -20.03 -11.44 -5.12
C GLY A 79 -18.68 -11.02 -4.59
N PRO A 80 -17.92 -11.97 -4.05
CA PRO A 80 -16.58 -11.75 -3.51
C PRO A 80 -15.67 -11.02 -4.51
N GLU A 81 -14.67 -10.35 -3.98
CA GLU A 81 -13.74 -9.61 -4.82
C GLU A 81 -13.17 -10.52 -5.91
N GLY A 82 -13.26 -10.06 -7.16
CA GLY A 82 -12.74 -10.82 -8.27
C GLY A 82 -13.76 -11.74 -8.92
N SER A 83 -15.00 -11.71 -8.45
CA SER A 83 -16.02 -12.59 -8.99
C SER A 83 -16.89 -11.97 -10.09
N ASP A 84 -16.98 -10.64 -10.12
CA ASP A 84 -17.88 -9.94 -11.05
C ASP A 84 -19.33 -10.40 -10.99
N LEU A 85 -19.69 -11.10 -9.93
CA LEU A 85 -21.05 -11.55 -9.73
C LEU A 85 -21.85 -10.53 -8.93
N VAL A 86 -23.16 -10.49 -9.17
CA VAL A 86 -24.07 -9.77 -8.29
C VAL A 86 -25.35 -10.58 -8.10
N LEU A 87 -25.84 -10.60 -6.87
CA LEU A 87 -27.13 -11.19 -6.57
C LEU A 87 -28.10 -10.07 -6.37
N MET A 88 -29.14 -10.07 -7.18
CA MET A 88 -30.08 -8.98 -7.21
C MET A 88 -31.35 -9.48 -6.56
N LYS A 89 -31.82 -8.77 -5.55
CA LYS A 89 -33.06 -9.18 -4.88
C LYS A 89 -34.23 -8.36 -5.39
N LEU A 90 -35.30 -9.05 -5.77
CA LEU A 90 -36.50 -8.40 -6.28
C LEU A 90 -37.37 -7.89 -5.13
N ALA A 91 -37.89 -6.66 -5.28
CA ALA A 91 -38.72 -6.05 -4.24
C ALA A 91 -39.87 -6.96 -3.79
N ARG A 92 -40.23 -7.89 -4.66
CA ARG A 92 -41.40 -8.73 -4.48
C ARG A 92 -41.13 -10.07 -5.14
N PRO A 93 -41.38 -11.18 -4.42
CA PRO A 93 -40.99 -12.43 -5.07
C PRO A 93 -41.71 -12.58 -6.41
N ALA A 94 -41.00 -13.15 -7.37
CA ALA A 94 -41.59 -13.45 -8.65
C ALA A 94 -42.54 -14.63 -8.50
N VAL A 95 -43.62 -14.63 -9.26
CA VAL A 95 -44.56 -15.76 -9.24
C VAL A 95 -44.14 -16.76 -10.30
N LEU A 96 -43.90 -18.00 -9.91
CA LEU A 96 -43.49 -19.02 -10.87
C LEU A 96 -44.66 -19.43 -11.76
N ASP A 97 -44.34 -19.85 -12.97
CA ASP A 97 -45.28 -19.94 -14.07
C ASP A 97 -44.90 -21.08 -14.94
N ASP A 98 -45.57 -21.16 -16.07
CA ASP A 98 -45.03 -21.86 -17.22
C ASP A 98 -43.93 -21.00 -17.82
N PHE A 99 -44.15 -19.69 -17.79
CA PHE A 99 -43.22 -18.73 -18.38
C PHE A 99 -42.06 -18.32 -17.48
N VAL A 100 -42.29 -18.30 -16.18
CA VAL A 100 -41.26 -17.89 -15.24
C VAL A 100 -40.88 -19.07 -14.38
N SER A 101 -39.58 -19.31 -14.28
CA SER A 101 -39.07 -20.57 -13.78
C SER A 101 -37.63 -20.36 -13.26
N THR A 102 -37.22 -21.11 -12.25
CA THR A 102 -35.84 -20.97 -11.76
C THR A 102 -34.91 -21.95 -12.45
N ILE A 103 -33.61 -21.67 -12.40
CA ILE A 103 -32.61 -22.60 -12.89
C ILE A 103 -31.69 -23.02 -11.75
N ASP A 104 -31.40 -24.32 -11.69
CA ASP A 104 -30.60 -24.88 -10.62
C ASP A 104 -29.16 -24.38 -10.65
N LEU A 105 -28.48 -24.49 -9.51
CA LEU A 105 -27.07 -24.16 -9.43
C LEU A 105 -26.28 -25.46 -9.33
N PRO A 106 -24.99 -25.41 -9.65
CA PRO A 106 -24.17 -26.60 -9.51
C PRO A 106 -23.86 -26.86 -8.04
N ASN A 107 -23.28 -28.02 -7.75
CA ASN A 107 -22.77 -28.27 -6.43
C ASN A 107 -21.51 -27.48 -6.23
N TYR A 108 -21.26 -27.04 -5.00
CA TYR A 108 -20.09 -26.23 -4.75
C TYR A 108 -18.82 -26.97 -5.14
N GLY A 109 -17.98 -26.36 -5.96
CA GLY A 109 -16.68 -26.90 -6.27
C GLY A 109 -16.69 -27.97 -7.34
N SER A 110 -17.86 -28.22 -7.91
CA SER A 110 -17.98 -29.27 -8.89
C SER A 110 -17.31 -28.90 -10.20
N THR A 111 -16.81 -29.93 -10.88
CA THR A 111 -16.16 -29.79 -12.16
C THR A 111 -17.14 -30.20 -13.25
N ILE A 112 -16.81 -29.90 -14.50
CA ILE A 112 -17.63 -30.35 -15.60
C ILE A 112 -16.74 -30.89 -16.71
N PRO A 113 -17.11 -32.03 -17.28
CA PRO A 113 -16.40 -32.71 -18.37
C PRO A 113 -16.30 -31.87 -19.64
N GLU A 114 -15.20 -32.03 -20.35
CA GLU A 114 -14.80 -31.13 -21.40
C GLU A 114 -15.78 -30.90 -22.53
N LYS A 115 -16.31 -31.95 -23.14
CA LYS A 115 -17.14 -31.67 -24.31
C LYS A 115 -18.61 -31.58 -23.98
N THR A 116 -18.89 -31.21 -22.74
CA THR A 116 -20.26 -31.02 -22.29
C THR A 116 -20.97 -29.92 -23.08
N SER A 117 -22.18 -30.24 -23.55
CA SER A 117 -23.01 -29.28 -24.27
C SER A 117 -23.50 -28.18 -23.37
N CYS A 118 -23.46 -26.95 -23.88
CA CYS A 118 -23.90 -25.76 -23.14
C CYS A 118 -24.57 -24.74 -24.06
N SER A 119 -25.30 -23.81 -23.47
CA SER A 119 -26.01 -22.78 -24.23
C SER A 119 -25.88 -21.43 -23.56
N VAL A 120 -25.64 -20.39 -24.35
CA VAL A 120 -25.71 -19.02 -23.85
C VAL A 120 -26.98 -18.37 -24.38
N TYR A 121 -27.59 -17.52 -23.57
CA TYR A 121 -28.83 -16.88 -23.92
C TYR A 121 -28.66 -15.39 -23.72
N GLY A 122 -29.31 -14.58 -24.54
CA GLY A 122 -29.18 -13.14 -24.40
C GLY A 122 -29.86 -12.37 -25.50
N TRP A 123 -30.17 -11.12 -25.20
CA TRP A 123 -30.81 -10.22 -26.13
C TRP A 123 -29.79 -9.20 -26.62
N GLY A 124 -28.52 -9.53 -26.52
CA GLY A 124 -27.49 -8.57 -26.87
C GLY A 124 -27.16 -8.45 -28.35
N TYR A 125 -26.04 -7.80 -28.63
CA TYR A 125 -25.55 -7.60 -29.98
C TYR A 125 -25.50 -8.87 -30.82
N THR A 126 -25.91 -8.76 -32.08
CA THR A 126 -25.93 -9.91 -32.97
C THR A 126 -25.19 -9.64 -34.27
N GLY A 127 -24.93 -8.38 -34.57
CA GLY A 127 -24.33 -8.02 -35.83
C GLY A 127 -25.35 -8.00 -36.95
N LEU A 128 -26.63 -8.07 -36.58
CA LEU A 128 -27.71 -8.03 -37.57
C LEU A 128 -28.08 -6.61 -37.93
N ILE A 129 -28.43 -6.39 -39.20
CA ILE A 129 -28.95 -5.09 -39.59
C ILE A 129 -30.24 -4.81 -38.80
N ASN A 130 -31.21 -5.72 -38.88
CA ASN A 130 -32.45 -5.54 -38.15
C ASN A 130 -32.72 -6.63 -37.13
N TYR A 131 -32.15 -6.49 -35.95
CA TYR A 131 -32.40 -7.42 -34.86
C TYR A 131 -33.89 -7.41 -34.45
N ASP A 132 -34.58 -8.54 -34.58
CA ASP A 132 -36.00 -8.59 -34.24
C ASP A 132 -36.25 -8.37 -32.76
N GLY A 133 -35.26 -8.72 -31.94
CA GLY A 133 -35.36 -8.52 -30.50
C GLY A 133 -35.82 -9.76 -29.75
N LEU A 134 -35.82 -10.90 -30.44
CA LEU A 134 -36.17 -12.14 -29.78
C LEU A 134 -34.93 -12.74 -29.12
N LEU A 135 -35.13 -13.35 -27.96
CA LEU A 135 -34.03 -13.97 -27.24
C LEU A 135 -33.27 -14.93 -28.15
N ARG A 136 -31.94 -14.91 -28.02
CA ARG A 136 -31.12 -15.77 -28.86
C ARG A 136 -30.31 -16.77 -28.07
N VAL A 137 -29.95 -17.87 -28.73
CA VAL A 137 -29.15 -18.90 -28.10
C VAL A 137 -28.05 -19.40 -29.02
N ALA A 138 -26.88 -19.65 -28.43
CA ALA A 138 -25.76 -20.22 -29.17
C ALA A 138 -25.27 -21.43 -28.40
N HIS A 139 -24.95 -22.50 -29.12
CA HIS A 139 -24.50 -23.70 -28.47
C HIS A 139 -22.98 -23.76 -28.41
N LEU A 140 -22.46 -23.99 -27.20
CA LEU A 140 -21.03 -24.05 -26.96
C LEU A 140 -20.68 -25.37 -26.28
N TYR A 141 -19.40 -25.70 -26.25
CA TYR A 141 -18.94 -26.87 -25.53
C TYR A 141 -17.94 -26.43 -24.47
N ILE A 142 -17.89 -27.15 -23.35
CA ILE A 142 -16.94 -26.81 -22.28
C ILE A 142 -15.52 -27.10 -22.74
N MET A 143 -14.56 -26.34 -22.24
CA MET A 143 -13.16 -26.63 -22.56
C MET A 143 -12.30 -26.45 -21.34
N GLY A 144 -11.28 -27.30 -21.23
CA GLY A 144 -10.37 -27.25 -20.11
C GLY A 144 -9.70 -25.90 -20.06
N ASN A 145 -9.55 -25.37 -18.85
CA ASN A 145 -8.92 -24.08 -18.65
C ASN A 145 -7.54 -24.04 -19.28
N GLU A 146 -6.80 -25.13 -19.12
CA GLU A 146 -5.52 -25.28 -19.80
C GLU A 146 -5.72 -25.14 -21.31
N LYS A 147 -6.45 -26.09 -21.88
CA LYS A 147 -6.73 -26.11 -23.32
C LYS A 147 -7.42 -24.82 -23.80
N CYS A 148 -8.20 -24.19 -22.94
CA CYS A 148 -8.82 -22.94 -23.30
C CYS A 148 -7.76 -21.87 -23.50
N SER A 149 -6.77 -21.86 -22.62
CA SER A 149 -5.69 -20.89 -22.66
C SER A 149 -4.73 -21.17 -23.81
N GLN A 150 -4.65 -22.44 -24.22
CA GLN A 150 -3.84 -22.83 -25.37
C GLN A 150 -4.43 -22.28 -26.66
N HIS A 151 -5.74 -22.08 -26.67
CA HIS A 151 -6.42 -21.41 -27.78
C HIS A 151 -6.29 -19.90 -27.63
N HIS A 152 -6.15 -19.45 -26.38
CA HIS A 152 -5.98 -18.04 -26.08
C HIS A 152 -4.53 -17.55 -26.18
N ARG A 153 -3.64 -18.47 -26.53
CA ARG A 153 -2.25 -18.11 -26.85
C ARG A 153 -1.44 -17.68 -25.63
N GLY A 154 -1.80 -18.21 -24.47
CA GLY A 154 -1.05 -17.93 -23.23
C GLY A 154 -1.01 -16.46 -22.88
N LYS A 155 -1.86 -15.67 -23.54
CA LYS A 155 -2.00 -14.25 -23.26
C LYS A 155 -2.71 -14.06 -21.92
N VAL A 156 -3.58 -15.01 -21.59
CA VAL A 156 -4.29 -15.02 -20.31
C VAL A 156 -4.34 -16.44 -19.73
N THR A 157 -4.09 -16.55 -18.42
CA THR A 157 -4.22 -17.82 -17.70
C THR A 157 -5.40 -17.76 -16.73
N LEU A 158 -6.04 -18.89 -16.49
CA LEU A 158 -7.31 -18.92 -15.77
C LEU A 158 -7.18 -19.31 -14.30
N ASN A 159 -7.83 -18.52 -13.44
CA ASN A 159 -8.02 -18.88 -12.05
C ASN A 159 -9.13 -19.93 -11.95
N GLU A 160 -9.20 -20.62 -10.83
CA GLU A 160 -10.21 -21.66 -10.62
C GLU A 160 -11.63 -21.08 -10.56
N SER A 161 -11.73 -19.76 -10.59
CA SER A 161 -13.03 -19.09 -10.54
C SER A 161 -13.58 -18.82 -11.94
N GLU A 162 -12.87 -19.32 -12.94
CA GLU A 162 -13.28 -19.14 -14.32
C GLU A 162 -13.54 -20.47 -14.98
N ILE A 163 -14.29 -20.43 -16.08
CA ILE A 163 -14.65 -21.62 -16.82
C ILE A 163 -14.74 -21.29 -18.31
N CYS A 164 -14.38 -22.23 -19.17
CA CYS A 164 -14.33 -21.99 -20.60
C CYS A 164 -15.29 -22.82 -21.43
N ALA A 165 -15.88 -22.17 -22.43
CA ALA A 165 -16.76 -22.84 -23.37
C ALA A 165 -16.69 -22.16 -24.72
N GLY A 166 -16.89 -22.91 -25.79
CA GLY A 166 -16.85 -22.37 -27.14
C GLY A 166 -17.33 -23.30 -28.24
N ALA A 167 -17.67 -22.72 -29.40
CA ALA A 167 -18.10 -23.51 -30.54
C ALA A 167 -16.88 -24.17 -31.16
N GLU A 168 -17.05 -25.34 -31.74
CA GLU A 168 -15.88 -26.09 -32.17
C GLU A 168 -14.94 -25.29 -33.08
N LYS A 169 -15.41 -24.86 -34.24
CA LYS A 169 -14.48 -24.19 -35.13
C LYS A 169 -14.96 -22.84 -35.57
N ILE A 170 -16.24 -22.59 -35.38
CA ILE A 170 -16.84 -21.35 -35.82
C ILE A 170 -16.74 -20.31 -34.71
N GLY A 171 -16.98 -19.06 -35.06
CA GLY A 171 -16.99 -17.99 -34.08
C GLY A 171 -18.43 -17.66 -33.75
N SER A 172 -18.77 -17.76 -32.48
CA SER A 172 -20.10 -17.39 -32.02
C SER A 172 -20.05 -17.35 -30.52
N GLY A 173 -21.06 -16.73 -29.91
CA GLY A 173 -21.06 -16.55 -28.47
C GLY A 173 -21.75 -15.27 -28.06
N PRO A 174 -21.65 -14.93 -26.76
CA PRO A 174 -22.25 -13.74 -26.19
C PRO A 174 -21.45 -12.49 -26.54
N CYS A 175 -22.10 -11.33 -26.41
CA CYS A 175 -21.46 -10.07 -26.70
C CYS A 175 -22.09 -8.94 -25.91
N GLU A 176 -21.74 -7.71 -26.28
CA GLU A 176 -22.34 -6.53 -25.70
C GLU A 176 -23.85 -6.75 -25.60
N GLY A 177 -24.43 -6.44 -24.46
CA GLY A 177 -25.86 -6.67 -24.26
C GLY A 177 -26.23 -8.02 -23.63
N ASP A 178 -25.30 -8.97 -23.66
CA ASP A 178 -25.55 -10.30 -23.13
C ASP A 178 -25.03 -10.52 -21.72
N TYR A 179 -24.26 -9.57 -21.20
CA TYR A 179 -23.57 -9.78 -19.95
C TYR A 179 -24.51 -10.05 -18.76
N GLY A 180 -24.06 -10.90 -17.84
CA GLY A 180 -24.84 -11.21 -16.65
C GLY A 180 -25.79 -12.38 -16.85
N GLY A 181 -26.04 -12.73 -18.12
CA GLY A 181 -26.89 -13.87 -18.45
C GLY A 181 -26.17 -15.19 -18.27
N PRO A 182 -26.88 -16.29 -18.52
CA PRO A 182 -26.36 -17.61 -18.14
C PRO A 182 -25.65 -18.35 -19.24
N LEU A 183 -24.65 -19.12 -18.84
CA LEU A 183 -24.16 -20.25 -19.62
C LEU A 183 -24.81 -21.49 -19.00
N VAL A 184 -25.63 -22.19 -19.77
CA VAL A 184 -26.39 -23.31 -19.22
C VAL A 184 -25.91 -24.66 -19.76
N CYS A 185 -25.83 -25.66 -18.89
CA CYS A 185 -25.44 -27.01 -19.32
C CYS A 185 -26.27 -28.10 -18.64
N GLU A 186 -26.41 -29.23 -19.32
CA GLU A 186 -27.14 -30.37 -18.77
C GLU A 186 -26.33 -31.65 -18.99
N GLN A 187 -25.62 -32.13 -17.97
CA GLN A 187 -25.08 -33.49 -18.08
C GLN A 187 -26.22 -34.50 -17.91
N HIS A 188 -27.02 -34.32 -16.86
CA HIS A 188 -28.17 -35.19 -16.59
C HIS A 188 -29.45 -34.63 -17.21
N LYS A 189 -30.60 -35.04 -16.69
CA LYS A 189 -31.88 -34.52 -17.15
C LYS A 189 -32.13 -33.06 -16.75
N MET A 190 -31.29 -32.51 -15.88
CA MET A 190 -31.55 -31.19 -15.32
C MET A 190 -30.59 -30.11 -15.82
N ARG A 191 -31.13 -28.92 -16.01
CA ARG A 191 -30.35 -27.76 -16.42
C ARG A 191 -29.75 -27.10 -15.20
N MET A 192 -28.48 -26.69 -15.32
CA MET A 192 -27.84 -25.87 -14.30
C MET A 192 -27.17 -24.68 -14.95
N VAL A 193 -27.23 -23.54 -14.28
CA VAL A 193 -26.43 -22.41 -14.74
C VAL A 193 -25.01 -22.63 -14.26
N LEU A 194 -24.13 -23.00 -15.20
CA LEU A 194 -22.75 -23.29 -14.85
C LEU A 194 -21.85 -22.07 -14.92
N GLY A 195 -22.26 -21.07 -15.69
CA GLY A 195 -21.42 -19.88 -15.84
C GLY A 195 -22.24 -18.62 -16.00
N VAL A 196 -21.59 -17.49 -15.73
CA VAL A 196 -22.21 -16.19 -15.94
C VAL A 196 -21.41 -15.44 -17.02
N ILE A 197 -22.12 -14.85 -17.98
CA ILE A 197 -21.49 -14.15 -19.08
C ILE A 197 -20.89 -12.83 -18.58
N VAL A 198 -19.62 -12.61 -18.88
CA VAL A 198 -18.94 -11.35 -18.54
C VAL A 198 -18.19 -10.84 -19.76
N PRO A 199 -17.90 -9.54 -19.83
CA PRO A 199 -17.25 -9.08 -21.06
C PRO A 199 -16.02 -9.94 -21.39
N GLY A 200 -15.84 -10.25 -22.66
CA GLY A 200 -14.74 -11.11 -23.10
C GLY A 200 -13.66 -10.32 -23.79
N ARG A 201 -12.84 -11.02 -24.58
CA ARG A 201 -11.73 -10.38 -25.28
C ARG A 201 -12.05 -10.16 -26.76
N GLY A 202 -13.34 -10.00 -27.06
CA GLY A 202 -13.77 -9.88 -28.45
C GLY A 202 -14.89 -10.87 -28.74
N CYS A 203 -15.93 -10.41 -29.42
CA CYS A 203 -17.10 -11.26 -29.66
C CYS A 203 -16.89 -12.29 -30.77
N ALA A 204 -17.29 -13.53 -30.52
CA ALA A 204 -17.44 -14.55 -31.58
C ALA A 204 -16.24 -14.69 -32.51
N ILE A 205 -15.06 -14.83 -31.90
CA ILE A 205 -13.83 -15.15 -32.62
C ILE A 205 -13.71 -16.65 -32.85
N PRO A 206 -13.45 -17.05 -34.11
CA PRO A 206 -13.36 -18.48 -34.44
C PRO A 206 -12.21 -19.13 -33.67
N ASN A 207 -12.41 -20.36 -33.23
CA ASN A 207 -11.38 -21.09 -32.48
C ASN A 207 -10.97 -20.45 -31.18
N ARG A 208 -11.78 -19.52 -30.68
CA ARG A 208 -11.45 -18.86 -29.44
C ARG A 208 -12.62 -18.97 -28.47
N PRO A 209 -12.45 -19.75 -27.40
CA PRO A 209 -13.53 -20.06 -26.47
C PRO A 209 -13.85 -18.86 -25.61
N GLY A 210 -14.99 -18.88 -24.95
CA GLY A 210 -15.36 -17.79 -24.06
C GLY A 210 -14.94 -18.10 -22.63
N ILE A 211 -14.62 -17.04 -21.88
CA ILE A 211 -14.40 -17.15 -20.45
C ILE A 211 -15.65 -16.75 -19.67
N PHE A 212 -16.08 -17.61 -18.76
CA PHE A 212 -17.23 -17.30 -17.94
C PHE A 212 -16.83 -17.45 -16.49
N VAL A 213 -17.56 -16.75 -15.62
CA VAL A 213 -17.40 -16.92 -14.18
C VAL A 213 -17.99 -18.26 -13.78
N ARG A 214 -17.20 -19.05 -13.06
CA ARG A 214 -17.58 -20.39 -12.67
C ARG A 214 -18.52 -20.38 -11.46
N VAL A 215 -19.81 -20.60 -11.71
CA VAL A 215 -20.81 -20.55 -10.66
C VAL A 215 -20.49 -21.54 -9.53
N ALA A 216 -20.09 -22.75 -9.90
CA ALA A 216 -19.79 -23.77 -8.91
C ALA A 216 -18.71 -23.34 -7.91
N TYR A 217 -17.90 -22.35 -8.30
CA TYR A 217 -16.84 -21.85 -7.43
C TYR A 217 -17.43 -20.95 -6.36
N TYR A 218 -18.49 -20.23 -6.72
CA TYR A 218 -19.16 -19.35 -5.77
C TYR A 218 -20.49 -19.90 -5.27
N ALA A 219 -20.72 -21.20 -5.51
CA ALA A 219 -21.98 -21.82 -5.12
C ALA A 219 -22.26 -21.65 -3.63
N LYS A 220 -21.23 -21.85 -2.80
CA LYS A 220 -21.39 -21.78 -1.35
C LYS A 220 -21.82 -20.37 -0.96
N TRP A 221 -21.13 -19.37 -1.50
CA TRP A 221 -21.46 -17.98 -1.20
C TRP A 221 -22.91 -17.69 -1.60
N ILE A 222 -23.27 -18.10 -2.80
CA ILE A 222 -24.60 -17.88 -3.32
C ILE A 222 -25.69 -18.42 -2.39
N HIS A 223 -25.49 -19.61 -1.85
CA HIS A 223 -26.50 -20.23 -0.99
C HIS A 223 -26.72 -19.50 0.33
N LYS A 224 -25.65 -18.98 0.93
CA LYS A 224 -25.78 -18.17 2.15
C LYS A 224 -26.73 -17.03 1.89
N ILE A 225 -26.50 -16.35 0.77
CA ILE A 225 -27.29 -15.17 0.40
C ILE A 225 -28.76 -15.50 0.18
N ILE A 226 -29.06 -16.61 -0.50
CA ILE A 226 -30.43 -16.89 -0.94
C ILE A 226 -31.30 -17.80 -0.03
N LEU A 227 -30.70 -18.45 0.97
CA LEU A 227 -31.50 -19.24 1.91
C LEU A 227 -31.66 -18.55 3.25
N MET B 1 31.03 17.05 -23.38
CA MET B 1 30.53 15.65 -23.53
C MET B 1 29.85 15.44 -24.90
N LYS B 2 30.44 14.60 -25.74
CA LYS B 2 29.86 14.23 -27.03
C LYS B 2 29.76 12.72 -27.17
N TYR B 3 28.55 12.21 -27.40
CA TYR B 3 28.34 10.78 -27.60
C TYR B 3 27.57 10.47 -28.88
N GLN B 4 27.90 9.34 -29.49
CA GLN B 4 27.11 8.80 -30.58
C GLN B 4 26.22 7.64 -30.11
N LEU B 5 24.91 7.83 -30.19
CA LEU B 5 23.95 6.82 -29.73
C LEU B 5 22.96 6.47 -30.83
N PRO B 6 22.23 5.35 -30.66
CA PRO B 6 21.21 5.00 -31.64
C PRO B 6 20.13 6.07 -31.69
N ASN B 7 19.84 6.56 -32.89
CA ASN B 7 18.93 7.68 -33.06
C ASN B 7 18.13 7.51 -34.34
N PHE B 8 17.08 8.33 -34.47
CA PHE B 8 16.24 8.33 -35.67
C PHE B 8 15.62 9.70 -35.93
N THR B 9 15.78 10.17 -37.16
CA THR B 9 15.20 11.44 -37.57
C THR B 9 14.04 11.14 -38.52
N ALA B 10 12.85 11.62 -38.14
CA ALA B 10 11.65 11.35 -38.92
C ALA B 10 11.52 12.38 -40.02
N GLU B 11 10.61 12.13 -40.96
CA GLU B 11 10.28 13.12 -41.97
C GLU B 11 9.61 14.35 -41.34
N THR B 12 8.99 14.19 -40.17
CA THR B 12 8.25 15.26 -39.51
C THR B 12 8.37 15.22 -37.99
N PRO B 13 7.81 16.23 -37.28
CA PRO B 13 7.94 16.27 -35.83
C PRO B 13 7.29 15.08 -35.12
N ILE B 14 7.90 14.64 -34.02
CA ILE B 14 7.40 13.48 -33.28
C ILE B 14 6.57 13.92 -32.07
N GLN B 15 5.36 13.40 -31.94
CA GLN B 15 4.50 13.74 -30.79
C GLN B 15 4.50 12.70 -29.66
N ASN B 16 4.41 11.41 -29.99
CA ASN B 16 4.31 10.39 -28.96
C ASN B 16 5.14 9.15 -29.27
N VAL B 17 5.56 8.46 -28.22
CA VAL B 17 6.35 7.25 -28.39
C VAL B 17 5.77 6.17 -27.50
N ILE B 18 5.77 4.95 -28.00
CA ILE B 18 5.20 3.82 -27.29
C ILE B 18 6.08 2.62 -27.62
N LEU B 19 6.45 1.84 -26.61
CA LEU B 19 7.28 0.66 -26.83
C LEU B 19 6.44 -0.60 -26.69
N HIS B 20 6.39 -1.40 -27.74
CA HIS B 20 5.68 -2.66 -27.64
C HIS B 20 6.35 -3.77 -28.42
N GLU B 21 6.54 -4.90 -27.75
CA GLU B 21 7.03 -6.12 -28.39
C GLU B 21 8.35 -5.86 -29.11
N HIS B 22 9.26 -5.18 -28.43
CA HIS B 22 10.59 -4.89 -28.98
C HIS B 22 10.57 -4.06 -30.25
N HIS B 23 9.45 -3.40 -30.51
CA HIS B 23 9.38 -2.39 -31.56
C HIS B 23 8.99 -1.05 -30.94
N ILE B 24 9.46 0.04 -31.55
CA ILE B 24 9.19 1.37 -31.07
C ILE B 24 8.25 2.08 -32.04
N PHE B 25 7.13 2.58 -31.53
CA PHE B 25 6.14 3.22 -32.37
C PHE B 25 6.12 4.73 -32.15
N LEU B 26 6.23 5.48 -33.24
CA LEU B 26 6.28 6.92 -33.16
C LEU B 26 5.02 7.57 -33.70
N GLY B 27 4.34 8.33 -32.85
CA GLY B 27 3.21 9.15 -33.26
C GLY B 27 3.71 10.49 -33.73
N ALA B 28 3.70 10.72 -35.04
CA ALA B 28 4.27 11.95 -35.57
C ALA B 28 3.32 12.59 -36.56
N THR B 29 3.61 13.83 -36.91
CA THR B 29 2.76 14.55 -37.83
C THR B 29 2.67 13.78 -39.13
N ASN B 30 1.46 13.35 -39.47
CA ASN B 30 1.19 12.67 -40.72
C ASN B 30 1.76 11.27 -40.87
N TYR B 31 2.53 10.81 -39.88
CA TYR B 31 3.05 9.45 -39.93
C TYR B 31 3.08 8.74 -38.60
N ILE B 32 2.87 7.44 -38.63
CA ILE B 32 3.26 6.58 -37.53
C ILE B 32 4.45 5.73 -38.00
N TYR B 33 5.58 5.90 -37.34
CA TYR B 33 6.76 5.16 -37.72
C TYR B 33 6.91 3.97 -36.81
N VAL B 34 7.34 2.85 -37.38
CA VAL B 34 7.71 1.69 -36.58
C VAL B 34 9.22 1.46 -36.63
N LEU B 35 9.86 1.60 -35.47
CA LEU B 35 11.31 1.42 -35.37
C LEU B 35 11.68 0.10 -34.70
N ASN B 36 12.89 -0.36 -34.97
CA ASN B 36 13.49 -1.48 -34.29
C ASN B 36 13.97 -1.03 -32.91
N GLU B 37 13.81 -1.86 -31.90
CA GLU B 37 14.27 -1.52 -30.54
C GLU B 37 15.80 -1.52 -30.45
N GLU B 38 16.44 -2.42 -31.18
CA GLU B 38 17.89 -2.56 -31.10
C GLU B 38 18.61 -1.32 -31.61
N ASP B 39 18.45 -1.01 -32.89
CA ASP B 39 19.25 0.03 -33.55
C ASP B 39 18.46 1.26 -33.94
N LEU B 40 17.16 1.25 -33.67
CA LEU B 40 16.25 2.34 -34.03
C LEU B 40 16.10 2.57 -35.54
N GLN B 41 16.45 1.57 -36.34
CA GLN B 41 16.20 1.61 -37.78
C GLN B 41 14.70 1.54 -38.05
N LYS B 42 14.26 2.21 -39.12
CA LYS B 42 12.85 2.21 -39.48
C LYS B 42 12.48 0.84 -40.04
N VAL B 43 11.44 0.23 -39.48
CA VAL B 43 10.96 -1.06 -39.98
C VAL B 43 9.80 -0.82 -40.94
N ALA B 44 9.00 0.20 -40.64
CA ALA B 44 7.87 0.56 -41.49
C ALA B 44 7.36 1.95 -41.13
N GLU B 45 6.49 2.47 -41.99
CA GLU B 45 5.81 3.73 -41.72
C GLU B 45 4.35 3.64 -42.17
N TYR B 46 3.48 4.38 -41.50
CA TYR B 46 2.08 4.45 -41.88
C TYR B 46 1.64 5.90 -42.08
N LYS B 47 1.16 6.21 -43.27
CA LYS B 47 0.80 7.56 -43.65
C LYS B 47 -0.59 7.90 -43.10
N THR B 48 -0.66 8.82 -42.14
CA THR B 48 -1.94 9.20 -41.56
C THR B 48 -2.54 10.46 -42.19
N GLY B 49 -1.74 11.17 -42.99
CA GLY B 49 -2.19 12.40 -43.61
C GLY B 49 -1.19 13.01 -44.58
N PRO B 50 -1.40 14.26 -44.96
CA PRO B 50 -2.50 15.09 -44.48
C PRO B 50 -3.85 14.53 -44.91
N VAL B 51 -4.92 14.92 -44.23
CA VAL B 51 -6.25 14.50 -44.64
C VAL B 51 -7.06 15.70 -45.09
N LEU B 52 -8.05 15.44 -45.94
CA LEU B 52 -8.96 16.47 -46.38
C LEU B 52 -10.23 16.41 -45.54
N GLU B 53 -10.40 17.37 -44.64
CA GLU B 53 -11.58 17.40 -43.78
C GLU B 53 -12.54 18.53 -44.17
N HIS B 54 -13.83 18.28 -43.93
CA HIS B 54 -14.91 19.17 -44.39
C HIS B 54 -16.18 18.93 -43.56
N PRO B 55 -17.13 19.89 -43.61
CA PRO B 55 -18.44 19.68 -42.99
C PRO B 55 -19.17 18.43 -43.49
N ASP B 56 -19.20 18.23 -44.81
CA ASP B 56 -19.94 17.12 -45.44
C ASP B 56 -19.25 15.76 -45.32
N CYS B 57 -17.96 15.76 -45.61
CA CYS B 57 -17.12 14.57 -45.46
C CYS B 57 -17.31 14.06 -44.04
N PHE B 58 -17.39 12.74 -43.88
CA PHE B 58 -17.66 12.20 -42.55
C PHE B 58 -16.56 11.31 -41.99
N PRO B 59 -16.42 11.34 -40.64
CA PRO B 59 -15.41 10.68 -39.85
C PRO B 59 -15.16 9.26 -40.25
N CYS B 60 -13.88 8.91 -40.29
CA CYS B 60 -13.52 7.54 -40.45
C CYS B 60 -13.86 7.01 -41.84
N GLN B 61 -13.88 7.92 -42.79
CA GLN B 61 -13.77 7.60 -44.20
C GLN B 61 -13.01 8.67 -44.96
N ASP B 62 -12.33 8.24 -46.02
CA ASP B 62 -11.62 9.12 -46.91
C ASP B 62 -12.60 9.89 -47.78
N CYS B 63 -12.51 11.21 -47.77
CA CYS B 63 -13.25 12.02 -48.77
C CYS B 63 -12.30 12.52 -49.83
N SER B 64 -11.17 11.83 -49.95
CA SER B 64 -10.28 12.04 -51.08
C SER B 64 -11.06 11.70 -52.34
N SER B 65 -12.13 10.91 -52.17
CA SER B 65 -13.01 10.58 -53.28
C SER B 65 -13.53 11.85 -53.93
N LYS B 66 -14.07 12.74 -53.10
CA LYS B 66 -14.55 14.04 -53.54
C LYS B 66 -13.68 15.14 -52.96
N ALA B 67 -12.42 15.14 -53.40
CA ALA B 67 -11.44 16.15 -53.02
C ALA B 67 -11.76 17.38 -53.84
N ASN B 68 -12.99 17.37 -54.37
CA ASN B 68 -13.50 18.37 -55.28
C ASN B 68 -13.20 19.77 -54.81
N LEU B 69 -12.92 19.92 -53.52
CA LEU B 69 -12.48 21.19 -53.02
C LEU B 69 -13.68 22.12 -52.88
N SER B 70 -14.88 21.52 -52.84
CA SER B 70 -16.07 22.32 -52.65
C SER B 70 -15.83 23.20 -51.44
N GLY B 71 -15.31 22.59 -50.38
CA GLY B 71 -14.91 23.32 -49.19
C GLY B 71 -13.75 22.60 -48.53
N GLY B 72 -13.03 21.82 -49.32
CA GLY B 72 -11.94 21.00 -48.80
C GLY B 72 -10.78 21.78 -48.20
N VAL B 73 -10.34 21.35 -47.02
CA VAL B 73 -9.17 21.91 -46.36
C VAL B 73 -8.23 20.76 -46.03
N TRP B 74 -6.97 20.86 -46.47
CA TRP B 74 -6.00 19.86 -46.07
C TRP B 74 -5.52 20.20 -44.69
N LYS B 75 -5.39 19.17 -43.86
CA LYS B 75 -4.89 19.36 -42.52
C LYS B 75 -3.87 18.30 -42.21
N ASP B 76 -2.80 18.71 -41.55
CA ASP B 76 -1.79 17.78 -41.08
C ASP B 76 -2.36 17.03 -39.93
N ASN B 77 -2.03 15.75 -39.84
CA ASN B 77 -2.52 14.91 -38.77
C ASN B 77 -1.48 14.81 -37.66
N ILE B 78 -1.74 15.51 -36.56
CA ILE B 78 -0.86 15.47 -35.43
C ILE B 78 -1.32 14.33 -34.59
N ASN B 79 -0.39 13.53 -34.10
CA ASN B 79 -0.74 12.47 -33.20
C ASN B 79 -1.03 13.06 -31.84
N MET B 80 -2.20 12.75 -31.29
CA MET B 80 -2.57 13.27 -29.98
C MET B 80 -2.45 12.20 -28.93
N ALA B 81 -2.62 10.95 -29.34
CA ALA B 81 -2.47 9.85 -28.42
C ALA B 81 -2.06 8.62 -29.18
N LEU B 82 -1.37 7.72 -28.52
CA LEU B 82 -0.91 6.52 -29.14
C LEU B 82 -0.93 5.47 -28.02
N VAL B 83 -1.67 4.39 -28.24
CA VAL B 83 -1.88 3.43 -27.15
C VAL B 83 -1.75 2.00 -27.64
N VAL B 84 -1.12 1.15 -26.84
CA VAL B 84 -1.13 -0.26 -27.16
C VAL B 84 -2.12 -1.00 -26.28
N ASP B 85 -2.88 -1.88 -26.90
CA ASP B 85 -3.77 -2.73 -26.15
C ASP B 85 -3.44 -4.18 -26.41
N THR B 86 -3.28 -4.95 -25.35
CA THR B 86 -3.12 -6.39 -25.52
C THR B 86 -4.21 -7.17 -24.82
N TYR B 87 -5.26 -6.48 -24.38
CA TYR B 87 -6.38 -7.18 -23.77
C TYR B 87 -7.24 -7.82 -24.85
N TYR B 88 -7.59 -7.02 -25.86
CA TYR B 88 -8.15 -7.59 -27.09
C TYR B 88 -6.95 -7.92 -27.97
N ASP B 89 -7.18 -8.63 -29.07
CA ASP B 89 -6.07 -8.91 -29.97
C ASP B 89 -5.19 -7.67 -30.11
N ASP B 90 -3.88 -7.88 -30.02
CA ASP B 90 -2.94 -6.78 -29.92
C ASP B 90 -3.14 -5.76 -31.02
N GLN B 91 -3.17 -4.50 -30.60
CA GLN B 91 -3.61 -3.38 -31.39
C GLN B 91 -2.79 -2.18 -31.05
N LEU B 92 -2.56 -1.33 -32.04
CA LEU B 92 -2.09 -0.02 -31.74
C LEU B 92 -3.32 0.87 -31.91
N ILE B 93 -3.51 1.80 -30.98
CA ILE B 93 -4.66 2.69 -31.06
C ILE B 93 -4.14 4.10 -31.14
N SER B 94 -4.46 4.76 -32.24
CA SER B 94 -3.89 6.05 -32.56
C SER B 94 -5.00 7.06 -32.83
N CYS B 95 -4.90 8.22 -32.20
CA CYS B 95 -5.91 9.27 -32.31
C CYS B 95 -5.25 10.58 -32.72
N GLY B 96 -5.70 11.17 -33.82
CA GLY B 96 -5.08 12.38 -34.34
C GLY B 96 -5.93 13.62 -34.20
N SER B 97 -5.37 14.75 -34.63
CA SER B 97 -5.99 16.06 -34.47
C SER B 97 -7.20 16.23 -35.38
N VAL B 98 -7.19 15.52 -36.50
CA VAL B 98 -8.23 15.72 -37.50
C VAL B 98 -9.33 14.69 -37.38
N ASN B 99 -10.36 14.84 -38.20
CA ASN B 99 -11.51 13.93 -38.19
C ASN B 99 -12.17 13.78 -36.83
N ARG B 100 -12.51 14.91 -36.22
CA ARG B 100 -13.28 14.92 -34.98
C ARG B 100 -12.57 14.25 -33.80
N GLY B 101 -11.25 14.10 -33.88
CA GLY B 101 -10.52 13.47 -32.80
C GLY B 101 -10.80 11.99 -32.65
N THR B 102 -11.22 11.34 -33.73
CA THR B 102 -11.46 9.91 -33.69
C THR B 102 -10.14 9.14 -33.57
N CYS B 103 -10.23 7.89 -33.12
CA CYS B 103 -9.08 7.00 -33.07
C CYS B 103 -9.18 5.90 -34.10
N GLN B 104 -8.02 5.32 -34.43
CA GLN B 104 -7.96 4.24 -35.39
C GLN B 104 -7.20 3.12 -34.73
N ARG B 105 -7.62 1.88 -34.97
CA ARG B 105 -6.90 0.76 -34.40
C ARG B 105 -6.18 -0.08 -35.44
N HIS B 106 -4.89 -0.30 -35.22
CA HIS B 106 -4.06 -1.09 -36.12
C HIS B 106 -3.82 -2.47 -35.53
N VAL B 107 -4.47 -3.47 -36.10
CA VAL B 107 -4.41 -4.82 -35.54
C VAL B 107 -3.23 -5.61 -36.10
N PHE B 108 -2.30 -6.00 -35.24
CA PHE B 108 -1.14 -6.75 -35.68
C PHE B 108 -1.52 -8.15 -36.13
N PRO B 109 -1.07 -8.57 -37.31
CA PRO B 109 -1.25 -9.96 -37.73
C PRO B 109 -0.47 -10.91 -36.82
N HIS B 110 -0.91 -12.16 -36.76
CA HIS B 110 -0.42 -13.12 -35.76
C HIS B 110 1.10 -13.20 -35.60
N ASN B 111 1.84 -13.23 -36.70
CA ASN B 111 3.30 -13.36 -36.58
C ASN B 111 4.07 -12.09 -36.92
N HIS B 112 3.38 -11.06 -37.38
CA HIS B 112 4.05 -9.83 -37.78
C HIS B 112 3.64 -8.70 -36.86
N THR B 113 4.39 -8.50 -35.79
CA THR B 113 4.04 -7.50 -34.78
C THR B 113 4.72 -6.15 -35.03
N ALA B 114 4.84 -5.79 -36.30
CA ALA B 114 5.38 -4.50 -36.69
C ALA B 114 4.64 -4.01 -37.93
N ASP B 115 3.55 -4.70 -38.25
CA ASP B 115 2.75 -4.39 -39.42
C ASP B 115 1.46 -3.67 -39.02
N ILE B 116 1.43 -2.36 -39.23
CA ILE B 116 0.28 -1.57 -38.84
C ILE B 116 -0.52 -1.08 -40.06
N GLN B 117 -0.37 -1.78 -41.19
CA GLN B 117 -1.07 -1.40 -42.42
C GLN B 117 -2.10 -2.44 -42.85
N SER B 118 -1.84 -3.71 -42.56
CA SER B 118 -2.75 -4.78 -42.99
C SER B 118 -4.19 -4.58 -42.52
N GLU B 119 -4.37 -4.40 -41.22
CA GLU B 119 -5.71 -4.26 -40.68
C GLU B 119 -5.83 -2.98 -39.85
N VAL B 120 -6.51 -2.00 -40.42
CA VAL B 120 -6.69 -0.70 -39.77
C VAL B 120 -8.17 -0.36 -39.72
N HIS B 121 -8.69 -0.18 -38.51
CA HIS B 121 -10.10 0.11 -38.33
C HIS B 121 -10.33 1.45 -37.69
N CYS B 122 -11.18 2.23 -38.32
CA CYS B 122 -11.54 3.52 -37.78
C CYS B 122 -12.68 3.37 -36.79
N ILE B 123 -12.45 3.81 -35.57
CA ILE B 123 -13.44 3.67 -34.50
C ILE B 123 -14.50 4.75 -34.59
N PHE B 124 -15.69 4.34 -35.02
CA PHE B 124 -16.81 5.27 -35.11
C PHE B 124 -18.14 4.55 -35.29
N SER B 125 -19.11 4.93 -34.47
CA SER B 125 -20.49 4.48 -34.65
C SER B 125 -21.33 5.75 -34.69
N PRO B 126 -22.29 5.83 -35.61
CA PRO B 126 -23.13 7.03 -35.61
C PRO B 126 -23.98 7.07 -34.35
N GLN B 127 -23.94 8.18 -33.62
CA GLN B 127 -24.69 8.25 -32.38
C GLN B 127 -26.11 7.75 -32.55
N ILE B 128 -26.40 6.65 -31.86
CA ILE B 128 -27.61 5.87 -32.11
C ILE B 128 -28.90 6.61 -31.83
N GLU B 129 -28.98 7.21 -30.65
CA GLU B 129 -30.21 7.85 -30.20
C GLU B 129 -30.37 9.19 -30.90
N GLU B 130 -31.20 10.06 -30.34
CA GLU B 130 -31.15 11.46 -30.69
C GLU B 130 -30.09 12.09 -29.77
N PRO B 131 -28.83 12.08 -30.21
CA PRO B 131 -27.80 12.51 -29.29
C PRO B 131 -26.92 13.65 -29.79
N SER B 132 -26.53 14.48 -28.83
CA SER B 132 -25.58 15.55 -29.05
C SER B 132 -24.25 15.05 -28.51
N GLN B 133 -24.16 13.75 -28.31
CA GLN B 133 -22.94 13.19 -27.73
C GLN B 133 -22.01 12.60 -28.79
N CYS B 134 -20.71 12.62 -28.53
CA CYS B 134 -19.78 12.01 -29.45
C CYS B 134 -18.71 11.24 -28.71
N PRO B 135 -19.07 10.07 -28.19
CA PRO B 135 -18.13 9.21 -27.46
C PRO B 135 -16.94 8.84 -28.32
N ASP B 136 -17.10 8.92 -29.64
CA ASP B 136 -16.06 8.51 -30.57
C ASP B 136 -15.13 9.67 -30.91
N CYS B 137 -15.59 10.88 -30.62
CA CYS B 137 -14.75 12.04 -30.70
C CYS B 137 -13.87 12.06 -29.45
N VAL B 138 -12.67 11.51 -29.53
CA VAL B 138 -11.89 11.30 -28.31
C VAL B 138 -11.03 12.50 -27.95
N VAL B 139 -10.21 12.91 -28.91
CA VAL B 139 -9.06 13.74 -28.66
C VAL B 139 -9.22 15.15 -29.25
N SER B 140 -8.73 16.15 -28.53
CA SER B 140 -8.77 17.52 -28.99
C SER B 140 -7.46 17.95 -29.67
N ALA B 141 -7.57 18.77 -30.70
CA ALA B 141 -6.41 19.26 -31.41
C ALA B 141 -5.66 20.30 -30.58
N LEU B 142 -6.35 20.93 -29.63
CA LEU B 142 -5.71 21.91 -28.77
C LEU B 142 -4.77 21.25 -27.75
N GLY B 143 -4.86 19.92 -27.61
CA GLY B 143 -4.07 19.18 -26.63
C GLY B 143 -4.91 18.22 -25.83
N ALA B 144 -4.41 16.99 -25.68
CA ALA B 144 -5.13 15.93 -25.04
C ALA B 144 -4.17 15.02 -24.30
N LYS B 145 -4.65 14.42 -23.21
CA LYS B 145 -3.91 13.40 -22.48
C LYS B 145 -4.79 12.16 -22.36
N VAL B 146 -4.30 11.05 -22.89
CA VAL B 146 -5.06 9.81 -22.82
C VAL B 146 -4.39 8.80 -21.90
N LEU B 147 -5.13 8.39 -20.87
CA LEU B 147 -4.69 7.33 -19.97
C LEU B 147 -5.57 6.10 -20.19
N SER B 148 -4.96 5.02 -20.65
CA SER B 148 -5.66 3.78 -20.98
C SER B 148 -5.49 2.75 -19.87
N SER B 149 -6.55 2.03 -19.54
CA SER B 149 -6.52 1.09 -18.42
C SER B 149 -7.60 0.03 -18.54
N VAL B 150 -7.27 -1.22 -18.21
CA VAL B 150 -8.28 -2.26 -18.21
C VAL B 150 -8.91 -2.37 -16.83
N LYS B 151 -10.23 -2.33 -16.76
CA LYS B 151 -10.94 -2.41 -15.49
C LYS B 151 -12.29 -3.01 -15.76
N ASP B 152 -12.66 -3.99 -14.94
CA ASP B 152 -13.95 -4.68 -15.10
C ASP B 152 -14.08 -5.36 -16.46
N ARG B 153 -12.95 -5.77 -17.03
CA ARG B 153 -12.90 -6.51 -18.28
C ARG B 153 -13.20 -5.65 -19.52
N PHE B 154 -13.20 -4.33 -19.34
CA PHE B 154 -13.32 -3.39 -20.44
C PHE B 154 -12.04 -2.57 -20.55
N ILE B 155 -11.76 -2.06 -21.74
CA ILE B 155 -10.69 -1.08 -21.89
C ILE B 155 -11.29 0.30 -21.69
N ASN B 156 -10.80 1.02 -20.70
CA ASN B 156 -11.32 2.35 -20.42
C ASN B 156 -10.33 3.43 -20.80
N PHE B 157 -10.83 4.49 -21.40
CA PHE B 157 -10.01 5.67 -21.67
C PHE B 157 -10.36 6.83 -20.73
N PHE B 158 -9.36 7.31 -20.00
CA PHE B 158 -9.50 8.55 -19.25
C PHE B 158 -8.78 9.63 -20.03
N VAL B 159 -9.48 10.73 -20.29
CA VAL B 159 -8.97 11.71 -21.24
C VAL B 159 -9.05 13.14 -20.73
N GLY B 160 -7.96 13.88 -20.88
CA GLY B 160 -7.97 15.30 -20.58
C GLY B 160 -7.86 16.09 -21.87
N ASN B 161 -8.82 16.98 -22.11
CA ASN B 161 -8.86 17.75 -23.34
C ASN B 161 -8.86 19.24 -23.09
N THR B 162 -7.99 19.95 -23.80
CA THR B 162 -8.09 21.40 -23.83
C THR B 162 -9.14 21.77 -24.86
N ILE B 163 -10.07 22.67 -24.49
CA ILE B 163 -11.17 23.04 -25.38
C ILE B 163 -11.39 24.55 -25.55
N ASN B 164 -12.04 24.91 -26.67
CA ASN B 164 -12.52 26.28 -26.97
C ASN B 164 -14.03 26.23 -27.05
N SER B 165 -14.64 27.20 -27.72
CA SER B 165 -16.09 27.11 -27.92
C SER B 165 -16.48 26.93 -29.39
N SER B 166 -15.53 26.55 -30.24
CA SER B 166 -15.80 26.28 -31.66
C SER B 166 -16.23 24.82 -31.85
N TYR B 167 -17.49 24.53 -31.50
CA TYR B 167 -17.95 23.15 -31.37
C TYR B 167 -19.40 22.90 -31.81
N PHE B 168 -19.72 21.62 -31.96
CA PHE B 168 -20.94 21.16 -32.61
C PHE B 168 -21.91 20.44 -31.67
N PRO B 169 -23.14 20.22 -32.15
CA PRO B 169 -24.18 19.46 -31.46
C PRO B 169 -23.76 18.01 -31.37
N ASP B 170 -23.17 17.51 -32.46
CA ASP B 170 -22.27 16.38 -32.42
C ASP B 170 -20.91 17.05 -32.32
N HIS B 171 -19.85 16.27 -32.16
CA HIS B 171 -18.49 16.80 -32.02
C HIS B 171 -18.28 17.83 -30.91
N PRO B 172 -18.84 17.54 -29.74
CA PRO B 172 -18.45 18.19 -28.51
C PRO B 172 -17.37 17.34 -27.87
N LEU B 173 -16.30 17.97 -27.42
CA LEU B 173 -15.28 17.24 -26.72
C LEU B 173 -15.50 17.56 -25.26
N HIS B 174 -14.91 16.76 -24.38
CA HIS B 174 -15.07 16.99 -22.95
C HIS B 174 -13.74 17.29 -22.32
N SER B 175 -13.75 18.15 -21.30
CA SER B 175 -12.52 18.52 -20.62
C SER B 175 -11.87 17.30 -19.99
N ILE B 176 -12.65 16.59 -19.21
CA ILE B 176 -12.17 15.42 -18.50
C ILE B 176 -13.31 14.41 -18.58
N SER B 177 -12.98 13.15 -18.80
CA SER B 177 -14.02 12.15 -18.99
C SER B 177 -13.47 10.73 -18.94
N VAL B 178 -14.36 9.78 -18.68
CA VAL B 178 -14.06 8.36 -18.83
C VAL B 178 -15.07 7.67 -19.76
N ARG B 179 -14.56 6.85 -20.64
CA ARG B 179 -15.39 6.16 -21.59
C ARG B 179 -14.73 4.83 -21.85
N ARG B 180 -15.53 3.85 -22.26
CA ARG B 180 -14.99 2.53 -22.50
C ARG B 180 -15.22 2.10 -23.93
N LEU B 181 -14.35 1.24 -24.42
CA LEU B 181 -14.50 0.68 -25.73
C LEU B 181 -15.56 -0.42 -25.67
N LYS B 182 -16.34 -0.55 -26.73
CA LYS B 182 -17.29 -1.64 -26.80
C LYS B 182 -16.53 -2.92 -27.17
N GLU B 183 -17.01 -4.07 -26.74
CA GLU B 183 -16.34 -5.30 -27.06
C GLU B 183 -16.36 -5.54 -28.57
N THR B 184 -17.33 -4.92 -29.24
CA THR B 184 -17.43 -5.02 -30.68
C THR B 184 -16.32 -4.20 -31.32
N LYS B 185 -15.71 -3.35 -30.52
CA LYS B 185 -14.55 -2.57 -30.97
C LYS B 185 -14.89 -1.49 -32.00
N ASP B 186 -16.17 -1.28 -32.25
CA ASP B 186 -16.55 -0.27 -33.24
C ASP B 186 -16.97 1.09 -32.67
N GLY B 187 -16.75 1.30 -31.38
CA GLY B 187 -17.12 2.57 -30.75
C GLY B 187 -16.79 2.66 -29.28
N PHE B 188 -16.90 3.87 -28.72
CA PHE B 188 -16.73 4.09 -27.29
C PHE B 188 -18.07 4.40 -26.64
N MET B 189 -18.16 4.27 -25.33
CA MET B 189 -19.40 4.56 -24.59
C MET B 189 -19.13 5.38 -23.34
N PHE B 190 -19.89 6.46 -23.17
CA PHE B 190 -20.02 7.09 -21.88
C PHE B 190 -21.10 6.34 -21.11
N LEU B 191 -20.80 5.90 -19.89
CA LEU B 191 -21.77 5.11 -19.13
C LEU B 191 -22.90 5.89 -18.48
N THR B 192 -22.57 7.01 -17.87
CA THR B 192 -23.58 7.86 -17.24
C THR B 192 -23.33 9.34 -17.56
N ASP B 193 -24.23 10.20 -17.09
CA ASP B 193 -24.09 11.64 -17.30
C ASP B 193 -22.99 12.22 -16.43
N GLN B 194 -22.40 11.39 -15.57
CA GLN B 194 -21.32 11.86 -14.70
C GLN B 194 -19.97 11.37 -15.21
N SER B 195 -19.95 10.91 -16.44
CA SER B 195 -18.72 10.36 -17.02
C SER B 195 -17.81 11.44 -17.53
N TYR B 196 -18.28 12.68 -17.48
CA TYR B 196 -17.49 13.81 -17.95
C TYR B 196 -17.78 15.05 -17.13
N ILE B 197 -16.72 15.81 -16.88
CA ILE B 197 -16.82 17.08 -16.19
C ILE B 197 -16.26 18.15 -17.10
N ASP B 198 -17.14 19.03 -17.59
CA ASP B 198 -16.78 20.00 -18.60
C ASP B 198 -16.76 21.41 -18.07
N VAL B 199 -15.89 22.23 -18.64
CA VAL B 199 -15.89 23.65 -18.39
C VAL B 199 -17.15 24.25 -18.99
N LEU B 200 -17.84 25.09 -18.24
CA LEU B 200 -19.04 25.72 -18.74
C LEU B 200 -18.78 26.34 -20.09
N PRO B 201 -19.72 26.20 -21.01
CA PRO B 201 -19.60 26.84 -22.31
C PRO B 201 -19.18 28.28 -22.13
N GLU B 202 -19.81 28.96 -21.18
CA GLU B 202 -19.50 30.34 -20.94
C GLU B 202 -18.01 30.62 -20.71
N PHE B 203 -17.25 29.63 -20.25
CA PHE B 203 -15.85 29.86 -19.93
C PHE B 203 -14.84 29.17 -20.84
N ARG B 204 -15.32 28.41 -21.80
CA ARG B 204 -14.44 27.55 -22.59
C ARG B 204 -13.34 28.32 -23.28
N ASP B 205 -13.63 29.55 -23.65
CA ASP B 205 -12.66 30.41 -24.33
C ASP B 205 -11.69 31.15 -23.39
N SER B 206 -12.20 31.62 -22.25
CA SER B 206 -11.38 32.40 -21.34
C SER B 206 -10.66 31.53 -20.30
N TYR B 207 -11.01 30.25 -20.22
CA TYR B 207 -10.45 29.41 -19.19
C TYR B 207 -9.81 28.13 -19.75
N PRO B 208 -8.69 28.29 -20.47
CA PRO B 208 -8.01 27.13 -21.04
C PRO B 208 -7.42 26.23 -19.95
N ILE B 209 -7.55 24.91 -20.12
CA ILE B 209 -6.90 23.97 -19.22
C ILE B 209 -5.97 23.05 -19.99
N LYS B 210 -4.68 23.09 -19.63
CA LYS B 210 -3.69 22.22 -20.23
C LYS B 210 -3.48 21.00 -19.34
N TYR B 211 -3.36 19.83 -19.96
CA TYR B 211 -3.16 18.57 -19.24
C TYR B 211 -1.77 18.05 -19.46
N VAL B 212 -0.93 18.22 -18.45
CA VAL B 212 0.47 17.86 -18.54
C VAL B 212 0.70 16.36 -18.50
N HIS B 213 0.01 15.68 -17.58
CA HIS B 213 0.31 14.28 -17.31
C HIS B 213 -0.87 13.59 -16.64
N ALA B 214 -0.86 12.26 -16.65
CA ALA B 214 -1.94 11.49 -16.11
C ALA B 214 -1.39 10.15 -15.67
N PHE B 215 -1.95 9.58 -14.60
CA PHE B 215 -1.46 8.29 -14.11
C PHE B 215 -2.46 7.65 -13.14
N GLU B 216 -2.30 6.34 -12.93
CA GLU B 216 -3.06 5.61 -11.91
C GLU B 216 -2.19 5.29 -10.74
N SER B 217 -2.80 5.23 -9.57
CA SER B 217 -2.07 4.86 -8.38
C SER B 217 -3.08 4.71 -7.27
N ASN B 218 -2.86 3.73 -6.40
CA ASN B 218 -3.65 3.66 -5.19
C ASN B 218 -5.15 3.51 -5.48
N ASN B 219 -5.48 3.01 -6.67
CA ASN B 219 -6.87 2.86 -7.06
C ASN B 219 -7.52 4.19 -7.44
N PHE B 220 -6.69 5.22 -7.57
CA PHE B 220 -7.19 6.52 -7.98
C PHE B 220 -6.65 6.89 -9.35
N ILE B 221 -7.31 7.81 -10.03
CA ILE B 221 -6.78 8.32 -11.27
C ILE B 221 -6.36 9.78 -11.07
N TYR B 222 -5.18 10.15 -11.57
CA TYR B 222 -4.66 11.50 -11.35
C TYR B 222 -4.33 12.19 -12.65
N PHE B 223 -4.78 13.43 -12.78
CA PHE B 223 -4.37 14.27 -13.88
C PHE B 223 -3.65 15.48 -13.32
N LEU B 224 -2.70 16.00 -14.08
CA LEU B 224 -2.01 17.23 -13.70
C LEU B 224 -2.32 18.30 -14.73
N THR B 225 -2.82 19.44 -14.26
CA THR B 225 -3.21 20.51 -15.15
C THR B 225 -2.41 21.79 -14.91
N VAL B 226 -2.42 22.64 -15.92
CA VAL B 226 -2.01 24.02 -15.76
C VAL B 226 -3.21 24.85 -16.15
N GLN B 227 -3.47 25.91 -15.39
CA GLN B 227 -4.66 26.73 -15.61
C GLN B 227 -4.65 27.97 -14.71
N ARG B 228 -5.65 28.81 -14.85
CA ARG B 228 -5.75 30.03 -14.06
C ARG B 228 -6.11 29.70 -12.63
N GLU B 229 -5.61 30.50 -11.70
CA GLU B 229 -5.88 30.26 -10.28
C GLU B 229 -7.36 30.39 -9.97
N THR B 230 -8.06 31.11 -10.83
CA THR B 230 -9.44 31.50 -10.58
C THR B 230 -10.08 31.78 -11.92
N LEU B 231 -11.40 31.81 -11.96
CA LEU B 231 -12.09 32.06 -13.22
C LEU B 231 -11.55 33.30 -13.93
N ASP B 232 -11.49 34.41 -13.21
CA ASP B 232 -11.09 35.66 -13.82
C ASP B 232 -9.69 36.12 -13.38
N ALA B 233 -8.97 35.24 -12.69
CA ALA B 233 -7.60 35.55 -12.27
C ALA B 233 -6.70 35.66 -13.50
N GLN B 234 -5.72 36.56 -13.43
CA GLN B 234 -4.77 36.74 -14.52
C GLN B 234 -3.57 35.81 -14.36
N THR B 235 -3.50 35.13 -13.22
CA THR B 235 -2.35 34.28 -12.88
C THR B 235 -2.61 32.80 -13.15
N PHE B 236 -1.54 32.04 -13.30
CA PHE B 236 -1.65 30.62 -13.60
C PHE B 236 -1.02 29.76 -12.52
N HIS B 237 -1.51 28.53 -12.37
CA HIS B 237 -0.90 27.53 -11.46
C HIS B 237 -1.12 26.10 -11.93
N THR B 238 -0.47 25.17 -11.22
CA THR B 238 -0.58 23.75 -11.51
C THR B 238 -1.52 23.11 -10.51
N ARG B 239 -2.36 22.20 -10.97
CA ARG B 239 -3.26 21.49 -10.08
C ARG B 239 -3.13 20.00 -10.28
N ILE B 240 -3.32 19.24 -9.21
CA ILE B 240 -3.49 17.81 -9.35
C ILE B 240 -4.95 17.44 -9.14
N ILE B 241 -5.47 16.67 -10.09
CA ILE B 241 -6.88 16.26 -10.11
C ILE B 241 -6.96 14.79 -9.71
N ARG B 242 -7.81 14.47 -8.75
CA ARG B 242 -7.99 13.09 -8.36
C ARG B 242 -9.44 12.67 -8.51
N PHE B 243 -9.64 11.46 -9.01
CA PHE B 243 -10.96 10.86 -8.96
C PHE B 243 -10.88 9.35 -8.91
N CYS B 244 -11.99 8.75 -8.51
CA CYS B 244 -12.13 7.32 -8.36
C CYS B 244 -11.98 6.67 -9.69
N SER B 245 -11.23 5.58 -9.70
CA SER B 245 -11.08 4.78 -10.90
C SER B 245 -12.31 3.89 -11.04
N ILE B 246 -13.33 4.43 -11.70
CA ILE B 246 -14.48 3.67 -12.07
C ILE B 246 -14.71 4.07 -13.52
N ASN B 247 -15.41 3.24 -14.28
CA ASN B 247 -15.80 3.61 -15.63
C ASN B 247 -17.21 4.20 -15.70
N SER B 248 -18.01 3.97 -14.67
CA SER B 248 -19.41 4.41 -14.70
C SER B 248 -19.48 5.94 -14.71
N GLY B 249 -18.41 6.58 -14.26
CA GLY B 249 -18.41 8.01 -14.14
C GLY B 249 -17.28 8.45 -13.25
N LEU B 250 -17.01 9.75 -13.26
CA LEU B 250 -15.98 10.31 -12.44
C LEU B 250 -16.57 10.54 -11.06
N HIS B 251 -15.96 9.95 -10.04
CA HIS B 251 -16.48 10.05 -8.67
C HIS B 251 -15.44 10.63 -7.72
N SER B 252 -15.92 11.33 -6.69
CA SER B 252 -15.04 11.89 -5.70
C SER B 252 -14.01 12.77 -6.38
N TYR B 253 -14.50 13.61 -7.29
CA TYR B 253 -13.65 14.47 -8.10
C TYR B 253 -13.19 15.67 -7.31
N MET B 254 -11.87 15.85 -7.23
CA MET B 254 -11.28 16.93 -6.45
C MET B 254 -10.05 17.48 -7.15
N GLU B 255 -9.93 18.80 -7.15
CA GLU B 255 -8.77 19.44 -7.75
C GLU B 255 -7.97 20.12 -6.65
N MET B 256 -6.65 20.06 -6.76
CA MET B 256 -5.80 20.66 -5.74
C MET B 256 -4.58 21.33 -6.31
N PRO B 257 -4.37 22.60 -5.95
CA PRO B 257 -3.22 23.39 -6.41
C PRO B 257 -1.89 22.84 -5.90
N LEU B 258 -0.83 22.95 -6.69
CA LEU B 258 0.49 22.45 -6.30
C LEU B 258 1.58 23.52 -6.41
N GLU B 259 2.10 23.98 -5.28
CA GLU B 259 3.20 24.92 -5.30
C GLU B 259 4.54 24.20 -5.16
N CYS B 260 5.42 24.37 -6.13
CA CYS B 260 6.81 23.96 -5.96
C CYS B 260 7.65 25.19 -5.69
N ILE B 261 8.32 25.20 -4.55
CA ILE B 261 9.03 26.39 -4.12
C ILE B 261 10.51 26.17 -3.86
N LEU B 262 11.20 27.26 -3.61
CA LEU B 262 12.61 27.26 -3.26
C LEU B 262 12.82 28.21 -2.10
N THR B 263 13.53 27.76 -1.06
CA THR B 263 13.73 28.54 0.17
C THR B 263 15.19 28.91 0.39
N LYS B 273 10.75 32.63 -0.72
CA LYS B 273 9.59 31.93 -1.24
C LYS B 273 9.42 32.22 -2.74
N GLU B 274 10.18 31.49 -3.54
CA GLU B 274 10.10 31.60 -4.99
C GLU B 274 9.20 30.50 -5.53
N VAL B 275 8.03 30.86 -6.04
CA VAL B 275 7.11 29.86 -6.54
C VAL B 275 7.40 29.49 -7.97
N PHE B 276 7.51 28.18 -8.23
CA PHE B 276 7.57 27.64 -9.57
C PHE B 276 6.19 27.06 -9.85
N ASN B 277 5.37 27.87 -10.50
CA ASN B 277 3.95 27.64 -10.58
C ASN B 277 3.51 26.88 -11.80
N ILE B 278 4.43 26.56 -12.70
CA ILE B 278 4.00 25.93 -13.93
C ILE B 278 4.72 24.63 -14.26
N LEU B 279 4.04 23.52 -13.99
CA LEU B 279 4.59 22.20 -14.27
C LEU B 279 4.91 22.04 -15.74
N GLN B 280 6.10 21.51 -16.05
CA GLN B 280 6.51 21.29 -17.43
C GLN B 280 6.40 19.83 -17.82
N ALA B 281 6.81 18.96 -16.91
CA ALA B 281 6.80 17.52 -17.15
C ALA B 281 6.77 16.79 -15.81
N ALA B 282 6.20 15.59 -15.82
CA ALA B 282 6.09 14.82 -14.60
C ALA B 282 6.33 13.34 -14.86
N TYR B 283 6.85 12.64 -13.85
CA TYR B 283 7.09 11.21 -13.95
C TYR B 283 6.81 10.57 -12.61
N VAL B 284 6.12 9.42 -12.61
CA VAL B 284 5.84 8.72 -11.36
C VAL B 284 6.60 7.41 -11.31
N SER B 285 7.35 7.19 -10.24
CA SER B 285 8.05 5.92 -10.03
C SER B 285 8.29 5.65 -8.55
N LYS B 286 8.70 4.43 -8.24
CA LYS B 286 9.18 4.08 -6.90
C LYS B 286 10.48 4.83 -6.59
N PRO B 287 10.72 5.12 -5.31
CA PRO B 287 11.96 5.78 -4.89
C PRO B 287 13.07 4.77 -4.60
N GLY B 288 14.30 5.13 -4.94
CA GLY B 288 15.44 4.31 -4.56
C GLY B 288 15.51 4.24 -3.05
N ALA B 289 16.31 3.33 -2.51
CA ALA B 289 16.31 3.12 -1.07
C ALA B 289 16.67 4.39 -0.30
N GLN B 290 17.81 4.98 -0.60
CA GLN B 290 18.26 6.17 0.14
C GLN B 290 17.21 7.28 0.20
N LEU B 291 16.62 7.61 -0.96
CA LEU B 291 15.68 8.70 -1.05
C LEU B 291 14.41 8.42 -0.28
N ALA B 292 13.96 7.16 -0.32
CA ALA B 292 12.77 6.72 0.39
C ALA B 292 12.89 7.08 1.85
N ARG B 293 14.00 6.69 2.47
CA ARG B 293 14.20 6.97 3.87
C ARG B 293 14.13 8.47 4.08
N GLN B 294 14.78 9.21 3.18
CA GLN B 294 14.88 10.66 3.29
C GLN B 294 13.53 11.35 3.27
N ILE B 295 12.58 10.76 2.55
CA ILE B 295 11.28 11.40 2.34
C ILE B 295 10.12 10.65 3.00
N GLY B 296 10.42 9.68 3.84
CA GLY B 296 9.37 8.96 4.57
C GLY B 296 8.49 8.12 3.68
N ALA B 297 9.10 7.38 2.76
CA ALA B 297 8.36 6.56 1.83
C ALA B 297 8.66 5.09 2.01
N SER B 298 7.71 4.26 1.62
CA SER B 298 7.91 2.83 1.53
C SER B 298 8.55 2.54 0.20
N LEU B 299 9.47 1.58 0.16
CA LEU B 299 10.16 1.30 -1.09
C LEU B 299 9.07 0.99 -2.09
N ASN B 300 7.92 0.74 -1.51
CA ASN B 300 6.68 0.35 -2.15
C ASN B 300 5.93 1.48 -2.84
N ASP B 301 6.22 2.70 -2.41
CA ASP B 301 5.39 3.88 -2.69
C ASP B 301 5.61 4.60 -4.02
N ASP B 302 4.53 5.04 -4.64
CA ASP B 302 4.60 5.83 -5.86
C ASP B 302 4.97 7.29 -5.54
N ILE B 303 5.92 7.84 -6.27
CA ILE B 303 6.31 9.22 -6.08
C ILE B 303 6.12 9.96 -7.38
N LEU B 304 5.47 11.12 -7.29
CA LEU B 304 5.33 12.02 -8.41
C LEU B 304 6.50 13.01 -8.39
N PHE B 305 7.34 12.93 -9.41
CA PHE B 305 8.42 13.87 -9.61
C PHE B 305 7.99 14.83 -10.71
N GLY B 306 7.96 16.12 -10.38
CA GLY B 306 7.56 17.12 -11.36
C GLY B 306 8.52 18.30 -11.46
N VAL B 307 8.97 18.58 -12.67
CA VAL B 307 9.79 19.77 -12.95
C VAL B 307 8.91 20.99 -13.19
N PHE B 308 9.08 22.01 -12.35
CA PHE B 308 8.25 23.22 -12.39
C PHE B 308 9.05 24.39 -12.90
N ALA B 309 8.34 25.36 -13.49
CA ALA B 309 8.97 26.59 -13.96
C ALA B 309 8.18 27.81 -13.52
N GLN B 310 8.88 28.92 -13.28
CA GLN B 310 8.24 30.21 -13.04
C GLN B 310 7.62 30.78 -14.31
N SER B 311 6.39 31.28 -14.19
CA SER B 311 5.75 31.94 -15.32
C SER B 311 6.17 33.40 -15.37
N LYS B 312 6.10 34.00 -16.55
CA LYS B 312 6.22 35.44 -16.67
C LYS B 312 4.97 36.02 -16.05
N PRO B 313 5.02 37.30 -15.61
CA PRO B 313 3.88 37.86 -14.92
C PRO B 313 2.60 37.64 -15.71
N ASP B 314 1.51 37.33 -15.01
CA ASP B 314 0.20 37.13 -15.62
C ASP B 314 0.30 36.33 -16.92
N SER B 315 0.86 35.13 -16.82
CA SER B 315 1.03 34.29 -18.00
C SER B 315 1.21 32.83 -17.63
N ALA B 316 1.06 31.95 -18.62
CA ALA B 316 1.39 30.55 -18.42
C ALA B 316 2.69 30.23 -19.13
N GLU B 317 3.33 31.25 -19.68
CA GLU B 317 4.57 31.04 -20.40
C GLU B 317 5.74 30.85 -19.45
N PRO B 318 6.47 29.76 -19.64
CA PRO B 318 7.63 29.40 -18.83
C PRO B 318 8.76 30.42 -18.95
N MET B 319 9.39 30.71 -17.83
CA MET B 319 10.36 31.79 -17.80
C MET B 319 11.81 31.36 -17.76
N ASP B 320 12.12 30.09 -17.96
CA ASP B 320 13.53 29.71 -18.02
C ASP B 320 14.19 29.57 -16.64
N ARG B 321 13.36 29.37 -15.61
CA ARG B 321 13.82 29.07 -14.27
C ARG B 321 13.07 27.83 -13.79
N SER B 322 13.81 26.82 -13.35
CA SER B 322 13.18 25.52 -13.08
C SER B 322 13.47 24.96 -11.70
N ALA B 323 12.53 24.17 -11.19
CA ALA B 323 12.70 23.47 -9.93
C ALA B 323 12.11 22.07 -10.05
N MET B 324 12.56 21.16 -9.21
CA MET B 324 11.99 19.83 -9.22
C MET B 324 11.55 19.42 -7.83
N CYS B 325 10.24 19.25 -7.69
CA CYS B 325 9.62 18.88 -6.43
C CYS B 325 9.08 17.46 -6.52
N ALA B 326 9.14 16.73 -5.41
CA ALA B 326 8.57 15.40 -5.37
C ALA B 326 7.33 15.38 -4.48
N PHE B 327 6.29 14.69 -4.97
CA PHE B 327 5.00 14.57 -4.28
C PHE B 327 4.66 13.10 -4.08
N PRO B 328 4.94 12.57 -2.89
CA PRO B 328 4.44 11.23 -2.58
C PRO B 328 2.91 11.18 -2.72
N ILE B 329 2.41 10.27 -3.56
CA ILE B 329 0.99 10.07 -3.70
C ILE B 329 0.33 9.95 -2.34
N LYS B 330 0.94 9.16 -1.46
CA LYS B 330 0.41 8.98 -0.12
C LYS B 330 0.31 10.33 0.58
N TYR B 331 1.35 11.13 0.45
CA TYR B 331 1.33 12.47 0.98
C TYR B 331 0.20 13.27 0.35
N VAL B 332 0.17 13.32 -0.97
CA VAL B 332 -0.92 13.98 -1.68
C VAL B 332 -2.28 13.48 -1.21
N ASN B 333 -2.43 12.16 -1.09
CA ASN B 333 -3.71 11.56 -0.71
C ASN B 333 -4.17 12.02 0.66
N ASP B 334 -3.24 12.14 1.60
CA ASP B 334 -3.59 12.59 2.94
C ASP B 334 -4.32 13.94 2.96
N PHE B 335 -4.02 14.80 2.00
CA PHE B 335 -4.66 16.10 1.90
C PHE B 335 -6.01 16.02 1.21
N PHE B 336 -6.10 15.19 0.19
CA PHE B 336 -7.38 14.94 -0.44
C PHE B 336 -8.34 14.29 0.55
N ASN B 337 -7.82 13.34 1.33
CA ASN B 337 -8.63 12.48 2.20
C ASN B 337 -9.19 13.11 3.45
N LYS B 338 -8.45 14.02 4.04
CA LYS B 338 -8.88 14.65 5.27
C LYS B 338 -9.05 16.13 5.00
N ILE B 339 -10.29 16.56 4.84
CA ILE B 339 -10.58 17.94 4.42
C ILE B 339 -10.05 19.04 5.34
N VAL B 340 -10.23 18.90 6.65
CA VAL B 340 -9.78 19.94 7.59
C VAL B 340 -10.70 21.18 7.49
N ASN B 341 -10.13 22.35 7.22
CA ASN B 341 -10.89 23.60 7.14
C ASN B 341 -11.82 23.66 5.93
N LYS B 342 -13.08 24.00 6.16
CA LYS B 342 -14.01 24.22 5.06
C LYS B 342 -13.42 25.29 4.18
N ASN B 343 -12.86 26.32 4.81
CA ASN B 343 -12.38 27.50 4.09
C ASN B 343 -11.53 27.16 2.88
N ASN B 344 -10.91 25.98 2.89
CA ASN B 344 -10.08 25.56 1.78
C ASN B 344 -10.83 24.90 0.63
N VAL B 345 -12.10 24.62 0.81
CA VAL B 345 -12.86 23.88 -0.21
C VAL B 345 -14.06 24.65 -0.73
N ARG B 346 -14.29 24.60 -2.05
CA ARG B 346 -15.51 25.13 -2.62
C ARG B 346 -15.89 24.37 -3.88
N CYS B 347 -17.11 24.61 -4.37
CA CYS B 347 -17.61 24.01 -5.60
C CYS B 347 -16.64 24.26 -6.75
N LEU B 348 -16.47 23.27 -7.61
CA LEU B 348 -15.57 23.36 -8.75
C LEU B 348 -15.98 24.54 -9.60
N GLN B 349 -15.15 25.58 -9.58
CA GLN B 349 -15.57 26.90 -10.05
C GLN B 349 -15.98 26.98 -11.53
N HIS B 350 -15.31 26.22 -12.37
CA HIS B 350 -15.54 26.28 -13.80
C HIS B 350 -16.54 25.22 -14.29
N PHE B 351 -16.94 24.32 -13.40
CA PHE B 351 -17.88 23.25 -13.77
C PHE B 351 -19.31 23.65 -13.44
N TYR B 352 -19.56 23.97 -12.17
CA TYR B 352 -20.73 24.72 -11.79
C TYR B 352 -20.27 26.16 -11.99
N GLY B 353 -21.18 27.11 -12.00
CA GLY B 353 -20.76 28.51 -12.06
C GLY B 353 -20.15 28.94 -10.74
N PRO B 354 -19.79 30.24 -10.62
CA PRO B 354 -19.42 30.79 -9.32
C PRO B 354 -20.66 30.99 -8.45
N ASN B 355 -21.75 31.43 -9.07
CA ASN B 355 -23.00 31.64 -8.37
C ASN B 355 -24.00 30.50 -8.56
N HIS B 356 -23.54 29.27 -8.37
CA HIS B 356 -24.42 28.11 -8.42
C HIS B 356 -25.11 27.97 -7.07
N GLU B 357 -26.30 27.39 -7.09
CA GLU B 357 -27.02 27.06 -5.87
C GLU B 357 -26.16 26.17 -4.96
N HIS B 358 -25.46 25.21 -5.59
CA HIS B 358 -24.58 24.29 -4.87
C HIS B 358 -23.41 25.01 -4.18
N CYS B 359 -23.03 26.17 -4.69
CA CYS B 359 -21.86 26.88 -4.19
C CYS B 359 -22.17 27.66 -2.91
N GLU B 377 -22.97 13.15 -5.63
CA GLU B 377 -21.71 13.68 -6.15
C GLU B 377 -21.67 15.20 -6.13
N TYR B 378 -20.47 15.75 -6.10
CA TYR B 378 -20.26 17.17 -5.93
C TYR B 378 -18.78 17.39 -6.19
N ARG B 379 -18.48 18.09 -7.27
CA ARG B 379 -17.10 18.26 -7.71
C ARG B 379 -16.50 19.45 -7.00
N THR B 380 -15.29 19.27 -6.50
CA THR B 380 -14.73 20.20 -5.55
C THR B 380 -13.31 20.63 -5.88
N GLU B 381 -12.95 21.84 -5.45
CA GLU B 381 -11.59 22.32 -5.56
C GLU B 381 -11.08 22.87 -4.22
N PHE B 382 -9.79 22.71 -3.97
CA PHE B 382 -9.17 23.24 -2.76
C PHE B 382 -8.67 24.67 -3.01
N THR B 383 -8.64 25.47 -1.95
CA THR B 383 -8.26 26.88 -2.02
C THR B 383 -6.76 27.14 -1.88
N THR B 384 -6.13 26.48 -0.91
CA THR B 384 -4.71 26.67 -0.69
C THR B 384 -3.90 25.57 -1.36
N ALA B 385 -2.68 25.92 -1.75
CA ALA B 385 -1.80 25.01 -2.46
C ALA B 385 -1.00 24.09 -1.53
N LEU B 386 -0.80 22.86 -1.99
CA LEU B 386 0.05 21.90 -1.33
C LEU B 386 1.49 22.17 -1.76
N GLN B 387 2.39 22.38 -0.79
CA GLN B 387 3.75 22.85 -1.09
C GLN B 387 4.83 21.80 -0.97
N ARG B 388 5.81 21.88 -1.86
CA ARG B 388 7.03 21.12 -1.73
C ARG B 388 8.20 22.06 -1.97
N VAL B 389 9.41 21.52 -1.82
CA VAL B 389 10.61 22.33 -1.84
C VAL B 389 11.58 21.77 -2.86
N ASP B 390 12.12 22.62 -3.72
CA ASP B 390 13.00 22.14 -4.78
C ASP B 390 14.04 21.16 -4.27
N LEU B 391 14.07 19.97 -4.85
CA LEU B 391 15.00 18.92 -4.42
C LEU B 391 16.38 19.09 -5.03
N PHE B 392 16.51 20.00 -5.99
CA PHE B 392 17.80 20.26 -6.59
C PHE B 392 18.41 21.52 -6.01
N MET B 393 17.76 22.05 -4.98
CA MET B 393 18.28 23.19 -4.24
C MET B 393 18.64 24.36 -5.16
N GLY B 394 17.71 24.72 -6.03
CA GLY B 394 17.88 25.88 -6.88
C GLY B 394 18.94 25.71 -7.94
N GLN B 395 19.45 24.49 -8.09
CA GLN B 395 20.49 24.26 -9.09
C GLN B 395 20.04 24.56 -10.52
N PHE B 396 18.74 24.50 -10.77
CA PHE B 396 18.26 24.73 -12.13
C PHE B 396 17.48 26.02 -12.30
N SER B 397 17.79 27.00 -11.46
CA SER B 397 17.10 28.29 -11.48
C SER B 397 17.26 29.06 -12.78
N GLU B 398 18.43 28.98 -13.40
CA GLU B 398 18.68 29.74 -14.63
C GLU B 398 18.43 28.92 -15.90
N VAL B 399 17.59 27.87 -15.78
CA VAL B 399 17.40 26.94 -16.88
C VAL B 399 15.94 26.48 -16.97
N LEU B 400 15.52 26.07 -18.16
CA LEU B 400 14.16 25.58 -18.33
C LEU B 400 14.14 24.07 -18.57
N LEU B 401 13.75 23.33 -17.54
CA LEU B 401 13.58 21.89 -17.64
C LEU B 401 12.27 21.53 -18.36
N THR B 402 12.37 20.73 -19.42
CA THR B 402 11.19 20.45 -20.24
C THR B 402 10.81 18.96 -20.28
N SER B 403 11.58 18.12 -19.58
CA SER B 403 11.37 16.68 -19.59
C SER B 403 12.01 16.01 -18.38
N ILE B 404 11.41 14.93 -17.92
CA ILE B 404 11.92 14.21 -16.77
C ILE B 404 11.43 12.76 -16.72
N SER B 405 12.36 11.83 -16.55
CA SER B 405 12.02 10.48 -16.21
C SER B 405 12.85 10.13 -14.98
N THR B 406 12.54 9.00 -14.37
CA THR B 406 13.11 8.69 -13.07
C THR B 406 13.28 7.19 -12.92
N PHE B 407 14.43 6.78 -12.39
CA PHE B 407 14.70 5.37 -12.15
C PHE B 407 15.64 5.09 -10.99
N ILE B 408 15.62 3.83 -10.55
CA ILE B 408 16.46 3.39 -9.45
C ILE B 408 17.72 2.70 -9.98
N LYS B 409 18.84 2.98 -9.31
CA LYS B 409 20.08 2.27 -9.57
C LYS B 409 20.70 1.94 -8.22
N GLY B 410 20.74 0.65 -7.88
CA GLY B 410 21.16 0.25 -6.55
C GLY B 410 20.28 0.93 -5.51
N ASP B 411 20.89 1.68 -4.60
CA ASP B 411 20.13 2.42 -3.60
C ASP B 411 19.83 3.85 -4.03
N LEU B 412 20.34 4.24 -5.20
CA LEU B 412 20.20 5.61 -5.69
C LEU B 412 18.92 5.83 -6.51
N THR B 413 18.42 7.06 -6.46
CA THR B 413 17.40 7.53 -7.39
C THR B 413 18.03 8.51 -8.36
N ILE B 414 17.81 8.28 -9.65
CA ILE B 414 18.41 9.10 -10.68
C ILE B 414 17.29 9.72 -11.52
N ALA B 415 17.48 10.98 -11.92
CA ALA B 415 16.54 11.63 -12.82
C ALA B 415 17.19 11.89 -14.17
N ASN B 416 16.42 11.71 -15.23
CA ASN B 416 16.85 12.10 -16.57
C ASN B 416 16.16 13.39 -16.94
N LEU B 417 16.93 14.47 -16.99
CA LEU B 417 16.36 15.76 -17.32
C LEU B 417 16.68 16.19 -18.75
N GLY B 418 15.78 16.99 -19.31
CA GLY B 418 15.98 17.61 -20.61
C GLY B 418 15.63 19.08 -20.49
N THR B 419 16.28 19.90 -21.31
CA THR B 419 16.04 21.34 -21.27
C THR B 419 15.48 21.84 -22.59
N SER B 420 15.08 23.11 -22.58
CA SER B 420 14.54 23.77 -23.76
C SER B 420 15.61 23.95 -24.83
N GLU B 421 16.85 23.63 -24.48
CA GLU B 421 17.95 23.88 -25.37
C GLU B 421 18.50 22.61 -25.99
N GLY B 422 17.95 21.48 -25.57
CA GLY B 422 18.32 20.21 -26.18
C GLY B 422 19.35 19.51 -25.33
N ARG B 423 19.53 20.02 -24.12
CA ARG B 423 20.52 19.51 -23.20
C ARG B 423 19.95 18.38 -22.37
N PHE B 424 20.69 17.28 -22.27
CA PHE B 424 20.25 16.14 -21.49
C PHE B 424 21.19 15.91 -20.31
N MET B 425 20.62 15.64 -19.14
CA MET B 425 21.39 15.47 -17.93
C MET B 425 20.90 14.28 -17.13
N GLN B 426 21.83 13.55 -16.53
CA GLN B 426 21.50 12.56 -15.52
C GLN B 426 22.04 13.05 -14.19
N VAL B 427 21.18 13.12 -13.20
CA VAL B 427 21.58 13.62 -11.90
C VAL B 427 20.94 12.82 -10.79
N VAL B 428 21.71 12.58 -9.72
CA VAL B 428 21.23 11.84 -8.57
C VAL B 428 20.34 12.71 -7.70
N VAL B 429 19.25 12.13 -7.23
CA VAL B 429 18.26 12.85 -6.44
C VAL B 429 18.44 12.56 -4.96
N SER B 430 18.55 13.61 -4.17
CA SER B 430 18.80 13.48 -2.74
C SER B 430 18.51 14.78 -1.99
N ARG B 431 18.06 14.67 -0.75
CA ARG B 431 17.85 15.85 0.09
C ARG B 431 19.17 16.24 0.75
N SER B 432 20.10 15.30 0.75
CA SER B 432 21.38 15.50 1.41
C SER B 432 22.41 16.00 0.41
N GLY B 433 22.51 17.31 0.27
CA GLY B 433 23.46 17.93 -0.66
C GLY B 433 22.95 17.96 -2.09
N PRO B 434 23.48 18.91 -2.89
CA PRO B 434 23.14 18.91 -4.30
C PRO B 434 24.13 18.02 -5.03
N SER B 435 23.82 17.66 -6.28
CA SER B 435 24.74 16.85 -7.05
C SER B 435 24.87 17.39 -8.46
N THR B 436 26.11 17.54 -8.90
CA THR B 436 26.37 17.87 -10.29
C THR B 436 26.02 16.64 -11.11
N PRO B 437 25.30 16.82 -12.23
CA PRO B 437 24.95 15.70 -13.07
C PRO B 437 26.19 14.93 -13.45
N HIS B 438 26.14 13.61 -13.33
CA HIS B 438 27.25 12.78 -13.77
C HIS B 438 27.22 12.62 -15.29
N VAL B 439 26.07 12.91 -15.88
CA VAL B 439 25.94 12.94 -17.33
C VAL B 439 25.28 14.25 -17.72
N ASN B 440 25.91 14.96 -18.66
CA ASN B 440 25.41 16.25 -19.11
C ASN B 440 25.95 16.56 -20.49
N PHE B 441 25.08 16.61 -21.48
CA PHE B 441 25.54 16.88 -22.84
C PHE B 441 24.43 17.42 -23.71
N LEU B 442 24.81 18.01 -24.83
CA LEU B 442 23.84 18.56 -25.75
C LEU B 442 23.34 17.49 -26.70
N LEU B 443 22.08 17.15 -26.52
CA LEU B 443 21.41 16.16 -27.33
C LEU B 443 21.02 16.71 -28.69
N ASP B 444 20.71 18.01 -28.74
CA ASP B 444 20.18 18.60 -29.96
C ASP B 444 19.95 20.10 -29.82
N SER B 445 19.67 20.77 -30.94
CA SER B 445 19.35 22.19 -30.90
C SER B 445 17.94 22.42 -30.39
N HIS B 446 17.07 21.45 -30.65
CA HIS B 446 15.67 21.54 -30.32
C HIS B 446 15.33 21.22 -28.88
N PRO B 447 14.27 21.82 -28.35
CA PRO B 447 13.84 21.54 -26.99
C PRO B 447 13.59 20.05 -26.78
N VAL B 448 13.96 19.55 -25.61
CA VAL B 448 13.72 18.16 -25.24
C VAL B 448 12.25 17.92 -24.90
N SER B 449 11.62 17.01 -25.62
CA SER B 449 10.21 16.66 -25.42
C SER B 449 9.94 15.97 -24.08
N PRO B 450 8.77 16.24 -23.50
CA PRO B 450 8.39 15.66 -22.21
C PRO B 450 7.90 14.24 -22.34
N GLU B 451 7.56 13.85 -23.56
CA GLU B 451 7.12 12.49 -23.84
C GLU B 451 8.33 11.58 -23.90
N VAL B 452 8.54 10.83 -22.83
CA VAL B 452 9.72 9.99 -22.71
C VAL B 452 9.31 8.58 -22.37
N ILE B 453 10.24 7.66 -22.55
CA ILE B 453 9.99 6.28 -22.21
C ILE B 453 11.16 5.73 -21.41
N VAL B 454 10.84 4.96 -20.38
CA VAL B 454 11.86 4.24 -19.65
C VAL B 454 11.63 2.76 -19.80
N GLU B 455 12.64 2.04 -20.24
CA GLU B 455 12.56 0.60 -20.36
C GLU B 455 13.67 -0.07 -19.59
N HIS B 456 13.30 -1.03 -18.76
CA HIS B 456 14.26 -1.77 -17.97
C HIS B 456 14.48 -3.14 -18.57
N THR B 457 15.29 -3.21 -19.61
CA THR B 457 15.84 -4.49 -19.98
C THR B 457 16.48 -4.92 -18.68
N LEU B 458 16.04 -6.05 -18.15
CA LEU B 458 16.53 -6.46 -16.84
C LEU B 458 18.04 -6.24 -16.77
N ASN B 459 18.75 -6.64 -17.82
CA ASN B 459 20.19 -6.52 -17.81
C ASN B 459 20.76 -6.18 -19.19
N ASN B 461 21.50 -2.86 -20.49
CA ASN B 461 20.76 -3.09 -19.25
C ASN B 461 19.41 -2.39 -19.30
N GLY B 462 19.45 -1.07 -19.47
CA GLY B 462 18.23 -0.27 -19.52
C GLY B 462 18.48 1.03 -20.25
N TYR B 463 17.43 1.57 -20.85
CA TYR B 463 17.55 2.78 -21.63
C TYR B 463 16.31 3.64 -21.49
N THR B 464 16.43 4.88 -21.92
CA THR B 464 15.29 5.77 -22.04
C THR B 464 15.24 6.32 -23.45
N LEU B 465 14.04 6.54 -23.98
CA LEU B 465 13.87 7.14 -25.30
C LEU B 465 13.51 8.61 -25.14
N VAL B 466 14.34 9.48 -25.71
CA VAL B 466 14.17 10.91 -25.56
C VAL B 466 13.99 11.58 -26.91
N ILE B 467 13.00 12.45 -27.01
CA ILE B 467 12.66 13.13 -28.25
C ILE B 467 13.15 14.58 -28.28
N THR B 468 13.61 15.01 -29.45
CA THR B 468 13.98 16.39 -29.68
C THR B 468 13.67 16.72 -31.14
N GLY B 469 12.60 17.48 -31.35
CA GLY B 469 12.17 17.84 -32.69
C GLY B 469 11.71 16.63 -33.47
N LYS B 470 12.47 16.28 -34.49
CA LYS B 470 12.14 15.17 -35.38
C LYS B 470 13.02 13.96 -35.10
N LYS B 471 13.87 14.07 -34.09
CA LYS B 471 14.80 13.01 -33.78
C LYS B 471 14.42 12.39 -32.46
N ILE B 472 14.64 11.08 -32.37
CA ILE B 472 14.49 10.39 -31.11
C ILE B 472 15.78 9.62 -30.83
N THR B 473 16.21 9.64 -29.57
CA THR B 473 17.48 9.06 -29.20
C THR B 473 17.33 8.00 -28.12
N LYS B 474 18.15 6.94 -28.24
CA LYS B 474 18.18 5.85 -27.27
C LYS B 474 19.36 6.00 -26.33
N ILE B 475 19.08 6.39 -25.09
CA ILE B 475 20.12 6.68 -24.13
C ILE B 475 20.24 5.59 -23.07
N PRO B 476 21.46 5.03 -22.89
CA PRO B 476 21.65 4.07 -21.81
C PRO B 476 21.35 4.74 -20.49
N LEU B 477 20.64 4.03 -19.61
CA LEU B 477 20.32 4.54 -18.30
C LEU B 477 21.56 4.70 -17.40
N ASN B 478 22.57 3.86 -17.58
CA ASN B 478 23.67 3.75 -16.60
C ASN B 478 25.09 4.07 -17.05
N GLY B 479 25.53 3.45 -18.15
CA GLY B 479 26.96 3.47 -18.48
C GLY B 479 27.51 4.71 -19.15
N LEU B 480 26.64 5.69 -19.37
CA LEU B 480 27.01 6.87 -20.14
C LEU B 480 27.99 7.78 -19.42
N GLY B 481 27.98 7.74 -18.09
CA GLY B 481 28.90 8.57 -17.33
C GLY B 481 30.33 8.23 -17.72
N CYS B 482 30.59 6.94 -17.86
CA CYS B 482 31.89 6.40 -18.19
C CYS B 482 32.37 6.74 -19.59
N ARG B 483 31.49 6.54 -20.58
CA ARG B 483 31.84 6.77 -21.99
C ARG B 483 32.46 8.14 -22.21
N HIS B 484 32.27 9.02 -21.24
CA HIS B 484 32.81 10.38 -21.30
C HIS B 484 34.34 10.37 -21.35
N PHE B 485 34.94 9.45 -20.59
CA PHE B 485 36.40 9.37 -20.47
C PHE B 485 37.06 8.61 -21.63
N GLN B 486 37.94 9.31 -22.36
CA GLN B 486 38.54 8.77 -23.58
C GLN B 486 39.74 7.86 -23.35
N SER B 487 40.28 7.88 -22.14
CA SER B 487 41.51 7.11 -21.86
C SER B 487 41.45 6.41 -20.52
N CYS B 488 42.29 5.39 -20.38
CA CYS B 488 42.35 4.60 -19.17
C CYS B 488 42.61 5.47 -17.93
N SER B 489 43.50 6.45 -18.08
CA SER B 489 43.87 7.34 -16.98
C SER B 489 42.67 8.14 -16.52
N GLN B 490 42.09 8.88 -17.45
CA GLN B 490 40.92 9.66 -17.15
C GLN B 490 39.93 8.75 -16.46
N CYS B 491 39.72 7.59 -17.06
CA CYS B 491 38.76 6.60 -16.57
C CYS B 491 38.99 6.18 -15.12
N LEU B 492 40.25 6.02 -14.73
CA LEU B 492 40.58 5.62 -13.36
C LEU B 492 40.36 6.74 -12.38
N SER B 493 40.37 7.98 -12.87
CA SER B 493 40.17 9.12 -12.01
C SER B 493 38.75 9.69 -12.16
N ALA B 494 37.84 8.82 -12.60
CA ALA B 494 36.42 9.10 -12.59
C ALA B 494 35.93 9.06 -11.14
N PRO B 495 34.91 9.87 -10.82
CA PRO B 495 34.41 9.82 -9.46
C PRO B 495 33.86 8.43 -9.18
N PRO B 496 34.16 7.89 -8.00
CA PRO B 496 33.90 6.50 -7.63
C PRO B 496 32.46 6.00 -7.80
N PHE B 497 31.46 6.84 -7.54
CA PHE B 497 30.08 6.35 -7.56
C PHE B 497 29.59 5.95 -8.95
N VAL B 498 30.29 6.41 -9.99
CA VAL B 498 29.88 6.05 -11.35
C VAL B 498 30.24 4.61 -11.67
N GLN B 499 31.12 4.04 -10.86
CA GLN B 499 31.61 2.67 -11.05
C GLN B 499 32.28 2.45 -12.41
N CYS B 500 33.01 3.47 -12.88
CA CYS B 500 33.70 3.37 -14.15
C CYS B 500 34.94 2.49 -14.03
N GLY B 501 35.28 1.84 -15.13
CA GLY B 501 36.48 1.02 -15.19
C GLY B 501 36.93 0.88 -16.61
N TRP B 502 38.14 0.38 -16.80
CA TRP B 502 38.66 0.21 -18.13
C TRP B 502 38.53 -1.23 -18.59
N CYS B 503 37.76 -1.41 -19.64
CA CYS B 503 37.69 -2.64 -20.40
C CYS B 503 38.54 -2.29 -21.60
N HIS B 504 39.26 -3.29 -22.10
CA HIS B 504 40.47 -3.13 -22.87
C HIS B 504 40.70 -1.85 -23.69
N ASP B 505 39.67 -1.34 -24.38
CA ASP B 505 39.85 -0.12 -25.18
C ASP B 505 38.83 0.98 -24.93
N LYS B 506 38.11 0.91 -23.80
CA LYS B 506 37.03 1.86 -23.54
C LYS B 506 36.64 1.93 -22.06
N CYS B 507 36.10 3.07 -21.64
CA CYS B 507 35.70 3.25 -20.25
C CYS B 507 34.23 2.88 -20.07
N VAL B 508 33.98 1.90 -19.21
CA VAL B 508 32.62 1.44 -18.97
C VAL B 508 32.46 0.91 -17.56
N ARG B 509 31.21 0.65 -17.18
CA ARG B 509 30.92 0.05 -15.89
C ARG B 509 31.13 -1.46 -15.97
N SER B 510 31.34 -2.07 -14.81
CA SER B 510 31.71 -3.48 -14.74
C SER B 510 30.92 -4.37 -15.69
N GLU B 511 29.59 -4.20 -15.67
CA GLU B 511 28.68 -5.10 -16.38
C GLU B 511 28.78 -5.09 -17.90
N GLU B 512 29.53 -4.15 -18.48
CA GLU B 512 29.57 -4.04 -19.95
C GLU B 512 30.87 -4.52 -20.55
N CYS B 513 31.65 -5.27 -19.78
CA CYS B 513 32.97 -5.67 -20.20
C CYS B 513 33.03 -7.14 -20.62
N LEU B 514 33.06 -7.36 -21.94
CA LEU B 514 33.07 -8.71 -22.49
C LEU B 514 34.50 -9.25 -22.67
N SER B 515 35.48 -8.36 -22.61
CA SER B 515 36.87 -8.74 -22.41
C SER B 515 36.88 -9.12 -20.95
N GLY B 516 37.22 -10.37 -20.65
CA GLY B 516 37.09 -10.81 -19.28
C GLY B 516 37.46 -9.68 -18.35
N THR B 517 38.62 -9.09 -18.60
CA THR B 517 39.28 -8.26 -17.61
C THR B 517 38.96 -6.76 -17.63
N TRP B 518 38.35 -6.33 -16.53
CA TRP B 518 37.90 -4.97 -16.33
C TRP B 518 38.66 -4.45 -15.12
N THR B 519 39.07 -3.18 -15.15
CA THR B 519 39.92 -2.68 -14.07
C THR B 519 39.63 -1.26 -13.62
N GLN B 520 39.77 -1.04 -12.31
CA GLN B 520 39.71 0.30 -11.76
C GLN B 520 41.07 0.69 -11.20
N GLN B 521 42.09 -0.10 -11.52
CA GLN B 521 43.40 0.05 -10.88
C GLN B 521 44.61 0.11 -11.80
N ILE B 522 44.56 -0.58 -12.94
CA ILE B 522 45.76 -0.72 -13.76
C ILE B 522 45.57 -0.36 -15.23
N CYS B 523 46.37 0.58 -15.70
CA CYS B 523 46.43 0.88 -17.11
C CYS B 523 47.69 0.28 -17.70
N LEU B 524 47.52 -0.65 -18.62
CA LEU B 524 48.66 -1.26 -19.28
C LEU B 524 49.16 -0.37 -20.41
N PRO B 525 50.42 -0.55 -20.82
CA PRO B 525 51.07 0.30 -21.79
C PRO B 525 50.20 0.59 -23.02
N ALA B 526 50.16 1.85 -23.43
CA ALA B 526 49.41 2.28 -24.61
C ALA B 526 50.21 2.05 -25.89
N GLU C 1 27.79 10.55 20.68
CA GLU C 1 26.74 9.51 20.94
C GLU C 1 25.32 10.08 20.81
N VAL C 2 24.46 9.34 20.12
CA VAL C 2 23.05 9.69 20.00
C VAL C 2 22.36 9.41 21.33
N GLN C 3 21.55 10.37 21.79
CA GLN C 3 20.77 10.22 23.02
C GLN C 3 19.33 10.70 22.89
N LEU C 4 18.40 9.87 23.33
CA LEU C 4 16.98 10.19 23.25
C LEU C 4 16.33 10.02 24.61
N VAL C 5 15.65 11.06 25.09
CA VAL C 5 14.94 10.96 26.37
C VAL C 5 13.45 11.37 26.27
N GLU C 6 12.57 10.42 26.57
CA GLU C 6 11.13 10.69 26.63
C GLU C 6 10.75 11.41 27.94
N SER C 7 9.53 11.96 27.98
CA SER C 7 9.01 12.66 29.16
C SER C 7 7.50 12.84 29.00
N GLY C 8 6.84 13.18 30.10
CA GLY C 8 5.40 13.44 30.06
C GLY C 8 4.55 12.23 30.39
N GLY C 9 5.19 11.06 30.51
CA GLY C 9 4.48 9.85 30.88
C GLY C 9 3.74 10.00 32.19
N GLY C 10 2.77 9.12 32.43
CA GLY C 10 2.02 9.16 33.68
C GLY C 10 0.59 8.67 33.57
N LEU C 11 -0.25 9.16 34.47
CA LEU C 11 -1.62 8.71 34.56
C LEU C 11 -2.53 9.67 33.81
N VAL C 12 -3.49 9.12 33.07
CA VAL C 12 -4.40 9.93 32.28
C VAL C 12 -5.75 9.25 32.14
N GLN C 13 -6.81 9.99 32.37
CA GLN C 13 -8.17 9.47 32.26
C GLN C 13 -8.49 8.98 30.85
N PRO C 14 -9.37 7.96 30.73
CA PRO C 14 -9.87 7.57 29.42
C PRO C 14 -10.69 8.71 28.84
N GLY C 15 -10.46 9.02 27.57
CA GLY C 15 -11.09 10.18 26.94
C GLY C 15 -10.18 11.39 26.87
N GLY C 16 -9.23 11.46 27.80
CA GLY C 16 -8.30 12.60 27.89
C GLY C 16 -7.11 12.56 26.95
N SER C 17 -6.26 13.57 27.05
CA SER C 17 -5.14 13.77 26.15
C SER C 17 -3.82 13.82 26.91
N LEU C 18 -2.72 13.54 26.22
CA LEU C 18 -1.41 13.60 26.85
C LEU C 18 -0.30 13.83 25.82
N ARG C 19 0.63 14.71 26.16
CA ARG C 19 1.72 15.07 25.27
C ARG C 19 3.04 14.51 25.76
N LEU C 20 3.65 13.65 24.96
CA LEU C 20 4.95 13.09 25.31
C LEU C 20 6.08 13.89 24.64
N SER C 21 7.20 14.01 25.35
CA SER C 21 8.37 14.71 24.82
C SER C 21 9.49 13.74 24.47
N CYS C 22 10.23 14.07 23.41
CA CYS C 22 11.45 13.35 23.09
C CYS C 22 12.54 14.33 22.70
N ALA C 23 13.43 14.61 23.64
CA ALA C 23 14.57 15.50 23.38
C ALA C 23 15.76 14.69 22.87
N ALA C 24 16.29 15.08 21.71
CA ALA C 24 17.44 14.40 21.10
C ALA C 24 18.74 15.20 21.18
N SER C 25 19.85 14.48 21.21
CA SER C 25 21.18 15.09 21.20
C SER C 25 22.19 14.22 20.44
N GLY C 26 23.16 14.87 19.79
CA GLY C 26 24.28 14.15 19.21
C GLY C 26 24.23 13.96 17.71
N TYR C 27 23.23 14.55 17.08
CA TYR C 27 23.12 14.50 15.62
C TYR C 27 22.32 15.69 15.11
N THR C 28 22.37 15.90 13.80
CA THR C 28 21.54 16.93 13.21
C THR C 28 20.09 16.49 13.30
N PHE C 29 19.38 17.08 14.25
CA PHE C 29 17.98 16.78 14.47
C PHE C 29 17.19 16.73 13.15
N THR C 30 17.35 17.76 12.32
CA THR C 30 16.54 17.86 11.12
C THR C 30 16.87 16.85 10.01
N SER C 31 17.85 15.98 10.23
CA SER C 31 18.31 15.13 9.14
C SER C 31 17.80 13.70 9.24
N TYR C 32 17.05 13.43 10.31
CA TYR C 32 16.53 12.09 10.55
C TYR C 32 15.08 12.16 10.97
N TRP C 33 14.28 11.24 10.45
CA TRP C 33 12.91 11.06 10.92
C TRP C 33 12.93 10.54 12.34
N LEU C 34 12.06 11.10 13.18
CA LEU C 34 11.96 10.68 14.56
C LEU C 34 10.75 9.77 14.73
N HIS C 35 11.02 8.53 15.11
CA HIS C 35 9.98 7.52 15.23
C HIS C 35 9.48 7.37 16.65
N TRP C 36 8.23 6.94 16.78
CA TRP C 36 7.65 6.55 18.05
C TRP C 36 7.17 5.11 17.99
N VAL C 37 7.56 4.31 18.98
CA VAL C 37 7.09 2.93 19.10
C VAL C 37 6.55 2.69 20.50
N ARG C 38 5.57 1.80 20.62
CA ARG C 38 5.02 1.49 21.94
C ARG C 38 4.90 0.00 22.23
N GLN C 39 4.80 -0.34 23.52
CA GLN C 39 4.67 -1.72 23.98
C GLN C 39 3.84 -1.82 25.25
N ALA C 40 2.71 -2.49 25.16
CA ALA C 40 1.88 -2.75 26.33
C ALA C 40 2.63 -3.72 27.24
N PRO C 41 2.51 -3.53 28.57
CA PRO C 41 3.21 -4.39 29.52
C PRO C 41 3.18 -5.84 29.07
N GLY C 42 4.36 -6.46 28.95
CA GLY C 42 4.48 -7.85 28.54
C GLY C 42 3.86 -8.21 27.19
N LYS C 43 3.77 -7.24 26.29
CA LYS C 43 3.23 -7.48 24.96
C LYS C 43 4.25 -7.17 23.87
N GLY C 44 3.83 -7.32 22.61
CA GLY C 44 4.71 -7.09 21.49
C GLY C 44 4.94 -5.62 21.19
N LEU C 45 5.74 -5.34 20.17
CA LEU C 45 6.04 -3.97 19.78
C LEU C 45 5.11 -3.49 18.66
N GLU C 46 4.59 -2.28 18.81
CA GLU C 46 3.72 -1.67 17.81
C GLU C 46 4.29 -0.33 17.37
N TRP C 47 4.43 -0.14 16.06
CA TRP C 47 4.96 1.11 15.49
C TRP C 47 3.88 2.18 15.45
N VAL C 48 4.18 3.37 15.98
CA VAL C 48 3.16 4.42 16.05
C VAL C 48 3.15 5.37 14.84
N GLY C 49 4.31 5.99 14.59
CA GLY C 49 4.45 6.98 13.53
C GLY C 49 5.82 7.63 13.57
N MET C 50 5.95 8.77 12.89
CA MET C 50 7.23 9.46 12.80
C MET C 50 7.02 10.84 12.19
N ILE C 51 7.92 11.75 12.50
CA ILE C 51 7.84 13.09 11.97
C ILE C 51 9.17 13.48 11.36
N ASP C 52 9.13 14.38 10.40
CA ASP C 52 10.33 14.88 9.79
C ASP C 52 10.53 16.31 10.26
N PRO C 53 11.51 16.53 11.16
CA PRO C 53 11.71 17.83 11.79
C PRO C 53 11.90 18.96 10.80
N SER C 54 12.49 18.67 9.65
CA SER C 54 12.80 19.71 8.68
C SER C 54 11.56 20.40 8.14
N ASN C 55 10.48 19.65 7.94
CA ASN C 55 9.24 20.22 7.42
C ASN C 55 7.98 19.85 8.19
N SER C 56 8.12 18.98 9.18
CA SER C 56 7.00 18.57 10.03
C SER C 56 6.05 17.58 9.36
N ASP C 57 6.60 16.81 8.44
CA ASP C 57 5.81 15.77 7.80
C ASP C 57 5.57 14.64 8.78
N THR C 58 4.47 13.92 8.58
CA THR C 58 4.12 12.85 9.47
C THR C 58 3.75 11.58 8.75
N ARG C 59 3.88 10.46 9.46
CA ARG C 59 3.44 9.18 8.96
C ARG C 59 2.95 8.38 10.16
N PHE C 60 1.76 7.82 10.05
CA PHE C 60 1.12 7.16 11.16
C PHE C 60 0.70 5.75 10.85
N ASN C 61 0.78 4.88 11.84
CA ASN C 61 0.13 3.60 11.72
C ASN C 61 -1.35 3.88 11.53
N PRO C 62 -1.94 3.42 10.42
CA PRO C 62 -3.33 3.70 10.12
C PRO C 62 -4.23 3.70 11.36
N ASN C 63 -3.83 2.96 12.39
CA ASN C 63 -4.63 2.90 13.61
C ASN C 63 -4.72 4.23 14.34
N PHE C 64 -3.64 4.99 14.36
CA PHE C 64 -3.64 6.24 15.12
C PHE C 64 -3.73 7.46 14.23
N LYS C 65 -3.98 7.26 12.94
CA LYS C 65 -3.99 8.38 12.01
C LYS C 65 -4.99 9.41 12.51
N ASP C 66 -6.12 8.94 13.01
CA ASP C 66 -7.14 9.86 13.47
C ASP C 66 -6.78 10.51 14.79
N ARG C 67 -6.45 9.72 15.81
CA ARG C 67 -6.36 10.23 17.18
C ARG C 67 -5.02 10.84 17.59
N PHE C 68 -3.96 10.57 16.83
CA PHE C 68 -2.62 10.95 17.29
C PHE C 68 -1.98 12.05 16.46
N THR C 69 -1.08 12.80 17.08
CA THR C 69 -0.42 13.92 16.43
C THR C 69 1.05 14.04 16.83
N ILE C 70 1.90 14.37 15.87
CA ILE C 70 3.31 14.57 16.16
C ILE C 70 3.79 15.94 15.73
N SER C 71 4.49 16.60 16.64
CA SER C 71 4.93 17.97 16.43
C SER C 71 6.42 18.04 16.69
N ALA C 72 7.05 19.15 16.33
CA ALA C 72 8.48 19.29 16.54
C ALA C 72 8.92 20.73 16.75
N ASP C 73 9.97 20.90 17.55
CA ASP C 73 10.59 22.20 17.69
C ASP C 73 12.08 22.12 17.44
N THR C 74 12.48 22.57 16.24
CA THR C 74 13.85 22.55 15.80
C THR C 74 14.79 23.24 16.79
N SER C 75 14.34 24.35 17.37
CA SER C 75 15.17 25.07 18.34
C SER C 75 15.45 24.24 19.58
N LYS C 76 14.55 23.32 19.91
CA LYS C 76 14.72 22.50 21.12
C LYS C 76 15.22 21.09 20.85
N ASN C 77 15.45 20.74 19.59
CA ASN C 77 15.77 19.35 19.23
C ASN C 77 14.87 18.37 19.98
N THR C 78 13.57 18.68 19.98
CA THR C 78 12.58 17.88 20.70
C THR C 78 11.35 17.60 19.85
N ALA C 79 10.86 16.36 19.96
CA ALA C 79 9.64 15.93 19.28
C ALA C 79 8.55 15.66 20.31
N TYR C 80 7.30 15.93 19.93
CA TYR C 80 6.19 15.70 20.82
C TYR C 80 5.20 14.76 20.19
N LEU C 81 4.87 13.69 20.92
CA LEU C 81 3.76 12.83 20.53
C LEU C 81 2.52 13.27 21.30
N GLN C 82 1.48 13.65 20.56
CA GLN C 82 0.25 14.09 21.19
C GLN C 82 -0.83 13.05 20.98
N MET C 83 -1.45 12.63 22.07
CA MET C 83 -2.47 11.59 22.02
C MET C 83 -3.78 12.14 22.55
N ASN C 84 -4.89 11.67 21.98
CA ASN C 84 -6.23 12.08 22.42
C ASN C 84 -7.22 10.94 22.37
N SER C 85 -8.37 11.12 23.01
CA SER C 85 -9.37 10.06 23.13
C SER C 85 -8.70 8.76 23.57
N LEU C 86 -7.68 8.88 24.43
CA LEU C 86 -6.94 7.73 24.96
C LEU C 86 -7.88 6.72 25.62
N ARG C 87 -7.63 5.44 25.36
CA ARG C 87 -8.41 4.37 25.98
C ARG C 87 -7.52 3.28 26.60
N ALA C 88 -8.16 2.28 27.22
CA ALA C 88 -7.43 1.29 28.02
C ALA C 88 -6.22 0.69 27.31
N GLU C 89 -6.41 0.33 26.04
CA GLU C 89 -5.39 -0.40 25.30
C GLU C 89 -4.23 0.47 24.82
N ASP C 90 -4.26 1.74 25.19
CA ASP C 90 -3.15 2.65 24.91
C ASP C 90 -2.17 2.72 26.06
N THR C 91 -2.56 2.17 27.21
CA THR C 91 -1.64 2.01 28.32
C THR C 91 -0.46 1.19 27.81
N ALA C 92 0.73 1.78 27.87
CA ALA C 92 1.92 1.15 27.31
C ALA C 92 3.20 1.92 27.60
N VAL C 93 4.33 1.33 27.24
CA VAL C 93 5.60 2.02 27.29
C VAL C 93 5.85 2.68 25.93
N TYR C 94 6.15 3.97 25.95
CA TYR C 94 6.35 4.70 24.71
C TYR C 94 7.81 5.07 24.46
N TYR C 95 8.40 4.49 23.42
CA TYR C 95 9.76 4.85 23.04
C TYR C 95 9.77 5.79 21.86
N CYS C 96 10.75 6.69 21.83
CA CYS C 96 11.07 7.39 20.60
C CYS C 96 12.40 6.84 20.08
N ALA C 97 12.57 6.86 18.76
CA ALA C 97 13.70 6.18 18.14
C ALA C 97 14.15 6.82 16.83
N THR C 98 15.36 6.49 16.39
CA THR C 98 15.83 6.89 15.07
C THR C 98 16.97 5.98 14.60
N TYR C 99 17.55 6.28 13.44
CA TYR C 99 18.48 5.36 12.77
C TYR C 99 19.77 6.05 12.38
N ARG C 100 20.79 5.24 12.09
CA ARG C 100 22.11 5.72 11.66
C ARG C 100 22.05 6.11 10.18
N SER C 101 21.34 5.30 9.40
CA SER C 101 21.16 5.54 7.98
C SER C 101 19.98 4.73 7.50
N TYR C 102 19.74 4.77 6.19
CA TYR C 102 18.64 4.07 5.55
C TYR C 102 18.83 2.56 5.51
N VAL C 103 20.00 2.10 5.90
CA VAL C 103 20.31 0.68 5.87
C VAL C 103 19.65 -0.08 7.01
N THR C 104 19.40 0.63 8.09
CA THR C 104 18.87 0.02 9.29
C THR C 104 17.50 0.58 9.60
N PRO C 105 16.72 -0.16 10.37
CA PRO C 105 15.46 0.37 10.90
C PRO C 105 15.77 1.37 12.00
N LEU C 106 15.63 0.96 13.25
CA LEU C 106 15.90 1.84 14.35
C LEU C 106 17.18 1.47 15.04
N ASP C 107 18.08 2.43 15.19
CA ASP C 107 19.36 2.15 15.79
C ASP C 107 19.42 2.69 17.21
N TYR C 108 18.67 3.74 17.47
CA TYR C 108 18.69 4.40 18.76
C TYR C 108 17.30 4.48 19.32
N TRP C 109 17.20 4.35 20.65
CA TRP C 109 15.92 4.40 21.34
C TRP C 109 16.03 5.23 22.60
N GLY C 110 14.88 5.66 23.13
CA GLY C 110 14.84 6.29 24.45
C GLY C 110 14.76 5.22 25.54
N GLN C 111 14.49 5.64 26.78
CA GLN C 111 14.25 4.67 27.84
C GLN C 111 12.80 4.23 27.80
N GLY C 112 11.94 5.08 27.24
CA GLY C 112 10.51 4.86 27.24
C GLY C 112 9.89 5.44 28.50
N THR C 113 8.70 6.03 28.36
CA THR C 113 7.92 6.42 29.53
C THR C 113 6.73 5.49 29.59
N LEU C 114 6.13 5.37 30.78
CA LEU C 114 4.94 4.55 30.91
C LEU C 114 3.72 5.45 30.88
N VAL C 115 2.80 5.15 29.96
CA VAL C 115 1.53 5.83 29.93
C VAL C 115 0.46 4.88 30.41
N THR C 116 -0.22 5.28 31.47
CA THR C 116 -1.30 4.49 32.01
C THR C 116 -2.61 5.23 31.80
N VAL C 117 -3.49 4.62 31.01
CA VAL C 117 -4.80 5.19 30.80
C VAL C 117 -5.76 4.49 31.76
N SER C 118 -6.10 5.18 32.83
CA SER C 118 -6.97 4.63 33.86
C SER C 118 -7.87 5.72 34.45
N SER C 119 -8.82 5.31 35.28
CA SER C 119 -9.66 6.25 35.98
C SER C 119 -9.32 6.28 37.47
N ALA C 120 -8.42 5.40 37.90
CA ALA C 120 -8.02 5.34 39.31
C ALA C 120 -7.28 6.58 39.79
N SER C 121 -7.35 6.86 41.09
CA SER C 121 -6.63 7.99 41.68
C SER C 121 -5.20 7.57 41.99
N THR C 122 -4.29 8.53 42.00
CA THR C 122 -2.92 8.24 42.42
C THR C 122 -2.88 8.00 43.93
N LYS C 123 -2.26 6.89 44.33
CA LYS C 123 -2.08 6.59 45.75
C LYS C 123 -0.64 6.16 46.04
N GLY C 124 -0.03 6.81 47.02
CA GLY C 124 1.31 6.43 47.47
C GLY C 124 1.25 5.15 48.26
N PRO C 125 2.30 4.32 48.15
CA PRO C 125 2.27 3.04 48.85
C PRO C 125 2.63 3.15 50.32
N SER C 126 2.28 2.12 51.09
CA SER C 126 2.85 1.93 52.41
C SER C 126 4.04 1.01 52.23
N VAL C 127 5.06 1.17 53.06
CA VAL C 127 6.24 0.31 53.00
C VAL C 127 6.43 -0.39 54.33
N PHE C 128 6.31 -1.71 54.32
CA PHE C 128 6.48 -2.48 55.54
C PHE C 128 7.68 -3.39 55.41
N PRO C 129 8.42 -3.59 56.52
CA PRO C 129 9.60 -4.45 56.54
C PRO C 129 9.25 -5.93 56.38
N LEU C 130 10.13 -6.68 55.72
CA LEU C 130 10.05 -8.13 55.78
C LEU C 130 11.22 -8.66 56.62
N ALA C 131 11.08 -8.55 57.94
CA ALA C 131 12.14 -8.83 58.89
C ALA C 131 12.70 -10.26 58.79
N PRO C 132 14.05 -10.39 58.83
CA PRO C 132 14.73 -11.67 58.71
C PRO C 132 14.40 -12.61 59.87
N SER C 133 14.29 -13.90 59.56
CA SER C 133 13.92 -14.94 60.52
C SER C 133 14.85 -15.04 61.74
N SER C 134 14.26 -15.28 62.92
CA SER C 134 15.05 -15.54 64.13
C SER C 134 15.99 -16.72 63.91
N LYS C 135 15.48 -17.74 63.22
CA LYS C 135 16.19 -19.00 63.06
C LYS C 135 17.00 -19.05 61.75
N SER C 136 17.38 -17.87 61.26
CA SER C 136 18.27 -17.79 60.11
C SER C 136 19.55 -18.56 60.44
N THR C 137 19.80 -19.64 59.71
CA THR C 137 21.00 -20.46 59.91
C THR C 137 22.22 -19.61 60.21
N SER C 138 22.75 -19.71 61.43
CA SER C 138 23.97 -18.96 61.77
C SER C 138 25.16 -19.54 61.00
N GLY C 139 25.93 -18.65 60.37
CA GLY C 139 27.00 -19.07 59.47
C GLY C 139 26.45 -19.24 58.06
N GLY C 140 25.13 -19.20 57.94
CA GLY C 140 24.46 -19.37 56.66
C GLY C 140 23.79 -18.10 56.17
N THR C 141 22.74 -18.29 55.36
CA THR C 141 22.11 -17.21 54.62
C THR C 141 20.76 -16.78 55.20
N ALA C 142 20.59 -15.48 55.37
CA ALA C 142 19.33 -14.91 55.84
C ALA C 142 18.58 -14.25 54.68
N ALA C 143 17.27 -14.11 54.82
CA ALA C 143 16.46 -13.39 53.86
C ALA C 143 15.67 -12.26 54.52
N LEU C 144 15.60 -11.12 53.86
CA LEU C 144 14.84 -9.97 54.35
C LEU C 144 14.43 -9.12 53.15
N GLY C 145 13.48 -8.21 53.34
CA GLY C 145 13.05 -7.37 52.23
C GLY C 145 12.06 -6.28 52.60
N CYS C 146 11.31 -5.82 51.59
CA CYS C 146 10.31 -4.79 51.78
C CYS C 146 9.01 -5.10 51.07
N LEU C 147 7.91 -4.94 51.79
CA LEU C 147 6.58 -5.03 51.22
C LEU C 147 6.12 -3.63 50.78
N VAL C 148 6.12 -3.38 49.47
CA VAL C 148 5.64 -2.11 48.95
C VAL C 148 4.18 -2.27 48.54
N LYS C 149 3.27 -1.84 49.40
CA LYS C 149 1.87 -2.22 49.23
C LYS C 149 0.88 -1.07 48.99
N ASP C 150 -0.10 -1.35 48.14
CA ASP C 150 -1.20 -0.43 47.91
C ASP C 150 -0.76 0.91 47.34
N TYR C 151 -0.41 0.92 46.06
CA TYR C 151 -0.12 2.15 45.34
C TYR C 151 -0.74 2.11 43.97
N PHE C 152 -0.83 3.28 43.34
CA PHE C 152 -1.26 3.36 41.97
C PHE C 152 -0.84 4.71 41.40
N PRO C 153 -0.40 4.72 40.14
CA PRO C 153 -0.19 3.54 39.35
C PRO C 153 1.26 3.10 39.42
N GLU C 154 1.65 2.22 38.50
CA GLU C 154 3.05 1.87 38.30
C GLU C 154 3.77 3.12 37.82
N PRO C 155 5.08 3.18 38.05
CA PRO C 155 5.82 2.14 38.71
C PRO C 155 6.52 2.63 39.95
N VAL C 156 7.10 1.68 40.66
CA VAL C 156 7.87 1.92 41.85
C VAL C 156 9.25 1.34 41.62
N THR C 157 10.25 1.90 42.28
CA THR C 157 11.60 1.36 42.13
C THR C 157 12.24 1.06 43.49
N VAL C 158 13.00 -0.03 43.56
CA VAL C 158 13.62 -0.37 44.83
C VAL C 158 15.12 -0.57 44.66
N SER C 159 15.88 0.26 45.37
CA SER C 159 17.32 0.07 45.55
C SER C 159 17.53 -0.32 47.00
N TRP C 160 18.68 -0.88 47.31
CA TRP C 160 19.02 -1.22 48.69
C TRP C 160 20.30 -0.52 49.12
N ASN C 161 20.31 0.05 50.33
CA ASN C 161 21.44 0.85 50.81
C ASN C 161 21.90 1.87 49.75
N SER C 162 20.93 2.58 49.18
CA SER C 162 21.18 3.57 48.13
C SER C 162 22.02 3.05 46.97
N GLY C 163 21.61 1.92 46.40
CA GLY C 163 22.30 1.34 45.25
C GLY C 163 23.55 0.53 45.60
N ALA C 164 23.98 0.57 46.86
CA ALA C 164 25.24 -0.07 47.26
C ALA C 164 25.12 -1.60 47.45
N LEU C 165 23.90 -2.08 47.66
CA LEU C 165 23.64 -3.51 47.70
C LEU C 165 22.83 -3.88 46.47
N THR C 166 23.34 -4.82 45.69
CA THR C 166 22.67 -5.25 44.46
C THR C 166 22.71 -6.77 44.30
N SER C 167 23.77 -7.38 44.84
CA SER C 167 23.94 -8.82 44.79
C SER C 167 22.97 -9.53 45.71
N GLY C 168 22.17 -10.42 45.13
CA GLY C 168 21.22 -11.21 45.90
C GLY C 168 19.86 -10.56 46.00
N VAL C 169 19.66 -9.48 45.24
CA VAL C 169 18.37 -8.79 45.26
C VAL C 169 17.40 -9.32 44.21
N HIS C 170 16.17 -9.57 44.64
CA HIS C 170 15.07 -9.84 43.72
C HIS C 170 13.96 -8.85 44.00
N THR C 171 13.77 -7.89 43.12
CA THR C 171 12.62 -7.02 43.20
C THR C 171 11.60 -7.60 42.24
N PHE C 172 10.47 -8.02 42.80
CA PHE C 172 9.48 -8.80 42.08
C PHE C 172 8.54 -7.94 41.25
N PRO C 173 8.01 -8.53 40.16
CA PRO C 173 6.94 -7.90 39.42
C PRO C 173 5.80 -7.59 40.38
N ALA C 174 5.38 -6.33 40.40
CA ALA C 174 4.21 -5.93 41.16
C ALA C 174 3.00 -6.72 40.69
N VAL C 175 2.08 -6.97 41.61
CA VAL C 175 0.85 -7.64 41.27
C VAL C 175 -0.33 -6.70 41.43
N LEU C 176 -1.36 -6.91 40.62
CA LEU C 176 -2.57 -6.13 40.72
C LEU C 176 -3.58 -6.85 41.61
N GLN C 177 -3.86 -6.28 42.78
CA GLN C 177 -4.82 -6.84 43.73
C GLN C 177 -6.26 -6.62 43.29
N SER C 178 -7.21 -7.11 44.08
CA SER C 178 -8.62 -6.97 43.76
C SER C 178 -9.11 -5.53 43.91
N SER C 179 -8.58 -4.83 44.90
CA SER C 179 -8.94 -3.44 45.16
C SER C 179 -8.51 -2.56 43.99
N GLY C 180 -7.83 -3.15 43.02
CA GLY C 180 -7.29 -2.40 41.90
C GLY C 180 -6.00 -1.70 42.28
N LEU C 181 -5.41 -2.06 43.41
CA LEU C 181 -4.14 -1.47 43.85
C LEU C 181 -2.96 -2.41 43.67
N TYR C 182 -1.83 -1.85 43.25
CA TYR C 182 -0.61 -2.61 43.05
C TYR C 182 0.13 -2.89 44.33
N SER C 183 0.87 -3.99 44.34
CA SER C 183 1.65 -4.37 45.49
C SER C 183 2.81 -5.26 45.05
N LEU C 184 3.98 -5.04 45.65
CA LEU C 184 5.13 -5.88 45.38
C LEU C 184 6.06 -5.92 46.57
N SER C 185 6.86 -6.97 46.64
CA SER C 185 7.92 -7.04 47.64
C SER C 185 9.28 -7.06 46.97
N SER C 186 10.30 -6.60 47.72
CA SER C 186 11.68 -6.75 47.29
C SER C 186 12.46 -7.44 48.39
N VAL C 187 13.13 -8.52 48.02
CA VAL C 187 13.88 -9.31 48.98
C VAL C 187 15.35 -9.30 48.60
N VAL C 188 16.20 -9.59 49.58
CA VAL C 188 17.62 -9.81 49.34
C VAL C 188 18.13 -10.88 50.31
N THR C 189 19.04 -11.73 49.84
CA THR C 189 19.64 -12.72 50.71
C THR C 189 20.95 -12.18 51.21
N VAL C 190 21.33 -12.59 52.41
CA VAL C 190 22.38 -11.91 53.16
C VAL C 190 23.03 -12.89 54.13
N PRO C 191 24.34 -12.73 54.40
CA PRO C 191 24.92 -13.60 55.41
C PRO C 191 24.24 -13.35 56.77
N SER C 192 23.82 -14.42 57.45
CA SER C 192 23.19 -14.32 58.76
C SER C 192 24.07 -13.53 59.71
N SER C 193 25.36 -13.81 59.63
CA SER C 193 26.36 -13.14 60.45
C SER C 193 26.27 -11.62 60.35
N SER C 194 25.71 -11.11 59.24
CA SER C 194 25.69 -9.67 59.00
C SER C 194 24.55 -8.96 59.74
N LEU C 195 23.57 -9.73 60.17
CA LEU C 195 22.43 -9.16 60.88
C LEU C 195 22.85 -8.50 62.18
N GLY C 196 22.24 -7.37 62.50
CA GLY C 196 22.54 -6.64 63.73
C GLY C 196 23.79 -5.79 63.58
N THR C 197 24.59 -6.12 62.57
CA THR C 197 25.79 -5.36 62.24
C THR C 197 25.55 -4.52 60.99
N GLN C 198 25.09 -5.17 59.93
CA GLN C 198 24.90 -4.48 58.67
C GLN C 198 23.52 -3.88 58.59
N THR C 199 23.45 -2.59 58.29
CA THR C 199 22.17 -1.91 58.17
C THR C 199 21.56 -2.13 56.79
N TYR C 200 20.32 -2.61 56.78
CA TYR C 200 19.63 -2.85 55.52
C TYR C 200 18.44 -1.93 55.36
N ILE C 201 18.58 -0.97 54.47
CA ILE C 201 17.51 -0.03 54.15
C ILE C 201 17.06 -0.28 52.73
N CYS C 202 15.76 -0.37 52.53
CA CYS C 202 15.26 -0.40 51.17
C CYS C 202 14.80 1.01 50.78
N ASN C 203 15.33 1.52 49.67
CA ASN C 203 14.98 2.85 49.18
C ASN C 203 13.90 2.78 48.11
N VAL C 204 12.67 3.12 48.50
CA VAL C 204 11.53 3.00 47.60
C VAL C 204 11.12 4.36 47.04
N ASN C 205 10.86 4.42 45.74
CA ASN C 205 10.41 5.65 45.08
C ASN C 205 9.16 5.45 44.22
N HIS C 206 8.15 6.27 44.47
CA HIS C 206 6.93 6.31 43.66
C HIS C 206 6.71 7.73 43.18
N LYS C 207 7.27 8.04 42.01
CA LYS C 207 7.25 9.38 41.46
C LYS C 207 5.84 9.92 41.17
N PRO C 208 4.91 9.04 40.75
CA PRO C 208 3.55 9.51 40.50
C PRO C 208 2.91 10.15 41.74
N SER C 209 2.93 9.43 42.86
CA SER C 209 2.41 9.97 44.12
C SER C 209 3.40 10.93 44.72
N ASN C 210 4.54 11.08 44.06
CA ASN C 210 5.61 11.92 44.57
C ASN C 210 5.98 11.57 46.02
N THR C 211 6.24 10.29 46.28
CA THR C 211 6.66 9.87 47.61
C THR C 211 7.89 8.97 47.55
N LYS C 212 8.87 9.29 48.39
CA LYS C 212 10.06 8.47 48.57
C LYS C 212 10.03 7.93 49.98
N VAL C 213 10.45 6.67 50.15
CA VAL C 213 10.51 6.07 51.47
C VAL C 213 11.75 5.21 51.63
N ASP C 214 12.45 5.42 52.74
CA ASP C 214 13.58 4.59 53.11
C ASP C 214 13.22 3.81 54.36
N LYS C 215 12.92 2.53 54.20
CA LYS C 215 12.59 1.72 55.36
C LYS C 215 13.76 0.82 55.77
N LYS C 216 14.24 1.02 56.99
CA LYS C 216 15.25 0.16 57.57
C LYS C 216 14.61 -1.13 58.08
N VAL C 217 15.02 -2.26 57.51
CA VAL C 217 14.49 -3.54 57.96
C VAL C 217 15.51 -4.24 58.85
N GLU C 218 15.06 -4.66 60.03
CA GLU C 218 15.94 -5.29 61.01
C GLU C 218 15.26 -6.45 61.71
N PRO C 219 16.04 -7.27 62.42
CA PRO C 219 15.47 -8.35 63.22
C PRO C 219 14.55 -7.78 64.29
N LYS C 220 13.41 -8.45 64.51
CA LYS C 220 12.42 -8.01 65.51
C LYS C 220 12.75 -8.60 66.87
N SER C 221 12.23 -7.97 67.92
CA SER C 221 12.48 -8.41 69.30
C SER C 221 11.97 -9.84 69.53
N ASP D 1 -1.72 -3.68 6.37
CA ASP D 1 -0.37 -3.96 6.93
C ASP D 1 0.38 -4.93 6.05
N ILE D 2 1.65 -5.13 6.39
CA ILE D 2 2.35 -6.37 6.06
C ILE D 2 2.44 -7.18 7.37
N GLN D 3 1.83 -8.35 7.36
CA GLN D 3 1.73 -9.17 8.57
C GLN D 3 3.02 -9.95 8.82
N MET D 4 3.49 -9.93 10.07
CA MET D 4 4.70 -10.65 10.45
C MET D 4 4.36 -11.78 11.41
N THR D 5 4.77 -13.00 11.07
CA THR D 5 4.40 -14.18 11.85
C THR D 5 5.61 -14.95 12.38
N GLN D 6 5.92 -14.75 13.66
CA GLN D 6 7.06 -15.44 14.26
C GLN D 6 6.71 -16.82 14.80
N SER D 7 7.68 -17.72 14.73
CA SER D 7 7.50 -19.08 15.22
C SER D 7 8.81 -19.65 15.77
N PRO D 8 8.77 -20.23 16.98
CA PRO D 8 7.57 -20.32 17.81
C PRO D 8 7.41 -19.07 18.69
N SER D 9 6.38 -19.04 19.53
CA SER D 9 6.20 -17.94 20.48
C SER D 9 7.16 -18.10 21.65
N SER D 10 7.47 -19.35 21.95
CA SER D 10 8.32 -19.70 23.07
C SER D 10 9.13 -20.94 22.74
N LEU D 11 10.35 -20.98 23.27
CA LEU D 11 11.12 -22.21 23.32
C LEU D 11 12.12 -22.15 24.47
N SER D 12 12.44 -23.32 24.98
CA SER D 12 13.31 -23.49 26.13
C SER D 12 14.43 -24.42 25.69
N ALA D 13 15.66 -23.89 25.57
CA ALA D 13 16.78 -24.70 25.11
C ALA D 13 17.99 -24.61 26.05
N SER D 14 18.89 -25.60 25.97
CA SER D 14 20.08 -25.68 26.84
C SER D 14 21.24 -24.79 26.39
N VAL D 15 22.11 -24.43 27.34
CA VAL D 15 23.33 -23.69 27.03
C VAL D 15 24.15 -24.47 26.03
N GLY D 16 24.55 -23.81 24.95
CA GLY D 16 25.37 -24.45 23.94
C GLY D 16 24.57 -24.96 22.76
N ASP D 17 23.25 -24.94 22.89
CA ASP D 17 22.37 -25.41 21.82
C ASP D 17 22.23 -24.39 20.69
N ARG D 18 21.94 -24.89 19.49
CA ARG D 18 21.54 -24.04 18.37
C ARG D 18 20.02 -23.86 18.40
N VAL D 19 19.60 -22.61 18.53
CA VAL D 19 18.19 -22.27 18.51
C VAL D 19 17.79 -21.71 17.14
N THR D 20 16.55 -21.94 16.74
CA THR D 20 16.04 -21.45 15.47
C THR D 20 14.68 -20.79 15.63
N ILE D 21 14.64 -19.49 15.33
CA ILE D 21 13.41 -18.73 15.26
C ILE D 21 13.02 -18.47 13.81
N THR D 22 11.74 -18.59 13.50
CA THR D 22 11.25 -18.41 12.13
C THR D 22 10.36 -17.19 11.98
N CYS D 23 10.52 -16.47 10.87
CA CYS D 23 9.72 -15.27 10.63
C CYS D 23 9.21 -15.20 9.19
N LYS D 24 7.89 -15.32 9.03
CA LYS D 24 7.27 -15.26 7.71
C LYS D 24 6.45 -13.98 7.56
N SER D 25 6.60 -13.33 6.40
CA SER D 25 5.91 -12.08 6.12
C SER D 25 4.88 -12.29 5.01
N SER D 26 3.82 -11.48 5.00
CA SER D 26 2.72 -11.68 4.04
C SER D 26 3.09 -11.32 2.61
N GLN D 27 4.21 -10.62 2.41
CA GLN D 27 4.74 -10.33 1.08
C GLN D 27 6.24 -10.11 1.11
N SER D 28 6.87 -10.22 -0.07
CA SER D 28 8.33 -10.16 -0.17
C SER D 28 8.92 -8.86 0.37
N LEU D 29 9.94 -8.99 1.20
CA LEU D 29 10.62 -7.82 1.72
C LEU D 29 11.85 -7.53 0.89
N LEU D 30 11.97 -8.27 -0.22
CA LEU D 30 13.08 -8.10 -1.13
C LEU D 30 13.01 -6.80 -1.95
N TYR D 31 14.02 -5.95 -1.75
CA TYR D 31 14.24 -4.76 -2.58
C TYR D 31 15.17 -5.13 -3.75
N THR D 32 14.58 -5.34 -4.91
CA THR D 32 15.27 -5.99 -6.03
C THR D 32 16.49 -5.23 -6.56
N SER D 33 16.47 -3.91 -6.47
CA SER D 33 17.52 -3.09 -7.07
C SER D 33 18.90 -3.36 -6.46
N SER D 34 18.93 -3.59 -5.14
CA SER D 34 20.19 -3.93 -4.49
C SER D 34 20.18 -5.37 -4.00
N GLN D 35 19.05 -6.02 -4.19
CA GLN D 35 18.90 -7.43 -3.83
C GLN D 35 19.03 -7.61 -2.32
N LYS D 36 18.54 -6.63 -1.58
CA LYS D 36 18.53 -6.65 -0.12
C LYS D 36 17.13 -6.89 0.43
N ASN D 37 17.06 -7.72 1.48
CA ASN D 37 15.80 -7.91 2.20
C ASN D 37 15.73 -6.94 3.36
N TYR D 38 14.63 -6.21 3.44
CA TYR D 38 14.45 -5.23 4.49
C TYR D 38 13.79 -5.85 5.71
N LEU D 39 14.49 -6.80 6.32
CA LEU D 39 14.02 -7.46 7.52
C LEU D 39 15.13 -7.44 8.54
N ALA D 40 14.74 -7.24 9.79
CA ALA D 40 15.72 -7.09 10.86
C ALA D 40 15.33 -7.92 12.06
N TRP D 41 16.30 -8.15 12.94
CA TRP D 41 16.12 -8.92 14.17
C TRP D 41 16.55 -8.12 15.37
N TYR D 42 15.64 -7.99 16.34
CA TYR D 42 15.94 -7.31 17.61
C TYR D 42 16.00 -8.31 18.75
N GLN D 43 16.77 -7.98 19.77
CA GLN D 43 16.79 -8.73 21.03
C GLN D 43 16.28 -7.82 22.14
N GLN D 44 15.36 -8.31 22.96
CA GLN D 44 14.84 -7.47 24.05
C GLN D 44 14.92 -8.09 25.44
N LYS D 45 15.75 -7.49 26.28
CA LYS D 45 15.85 -7.86 27.68
C LYS D 45 14.81 -7.08 28.46
N PRO D 46 14.23 -7.70 29.50
CA PRO D 46 13.17 -7.05 30.28
C PRO D 46 13.55 -5.64 30.70
N GLY D 47 12.59 -4.71 30.61
CA GLY D 47 12.78 -3.33 31.03
C GLY D 47 13.86 -2.60 30.26
N LYS D 48 14.01 -2.96 28.99
CA LYS D 48 15.04 -2.41 28.14
C LYS D 48 14.52 -2.15 26.73
N ALA D 49 15.08 -1.15 26.07
CA ALA D 49 14.83 -0.91 24.65
C ALA D 49 15.20 -2.16 23.86
N PRO D 50 14.60 -2.34 22.67
CA PRO D 50 15.11 -3.42 21.84
C PRO D 50 16.52 -3.10 21.34
N LYS D 51 17.36 -4.13 21.19
CA LYS D 51 18.68 -3.97 20.61
C LYS D 51 18.67 -4.61 19.22
N LEU D 52 19.26 -3.91 18.26
CA LEU D 52 19.30 -4.39 16.88
C LEU D 52 20.38 -5.45 16.74
N LEU D 53 20.01 -6.59 16.18
CA LEU D 53 20.95 -7.68 16.01
C LEU D 53 21.42 -7.80 14.58
N ILE D 54 20.44 -7.95 13.68
CA ILE D 54 20.69 -8.26 12.30
C ILE D 54 19.84 -7.35 11.46
N TYR D 55 20.42 -6.80 10.40
CA TYR D 55 19.61 -6.05 9.47
C TYR D 55 19.85 -6.59 8.08
N TRP D 56 19.03 -6.17 7.13
CA TRP D 56 19.07 -6.73 5.79
C TRP D 56 19.14 -8.25 5.86
N ALA D 57 18.28 -8.83 6.70
CA ALA D 57 18.10 -10.27 6.77
C ALA D 57 19.29 -11.08 7.26
N SER D 58 20.50 -10.72 6.86
CA SER D 58 21.67 -11.53 7.22
C SER D 58 22.91 -10.76 7.68
N THR D 59 22.84 -9.43 7.73
CA THR D 59 24.00 -8.64 8.12
C THR D 59 24.04 -8.36 9.61
N ARG D 60 25.02 -8.93 10.29
CA ARG D 60 25.16 -8.76 11.73
C ARG D 60 25.65 -7.35 12.05
N GLU D 61 25.06 -6.73 13.07
CA GLU D 61 25.43 -5.39 13.49
C GLU D 61 26.77 -5.40 14.23
N SER D 62 27.45 -4.26 14.25
CA SER D 62 28.72 -4.14 14.99
C SER D 62 28.52 -4.53 16.45
N GLY D 63 29.51 -5.22 17.01
CA GLY D 63 29.47 -5.61 18.41
C GLY D 63 28.79 -6.95 18.61
N VAL D 64 27.68 -7.16 17.90
CA VAL D 64 26.87 -8.36 18.07
C VAL D 64 27.73 -9.61 18.02
N PRO D 65 27.65 -10.45 19.07
CA PRO D 65 28.43 -11.67 19.11
C PRO D 65 28.23 -12.49 17.84
N SER D 66 29.31 -13.12 17.40
CA SER D 66 29.33 -13.88 16.16
C SER D 66 28.24 -14.96 16.05
N ARG D 67 27.71 -15.43 17.18
CA ARG D 67 26.79 -16.58 17.23
C ARG D 67 25.36 -16.30 16.75
N PHE D 68 25.08 -15.03 16.49
CA PHE D 68 23.80 -14.61 15.95
C PHE D 68 23.92 -14.49 14.44
N SER D 69 23.02 -15.15 13.72
CA SER D 69 23.09 -15.14 12.27
C SER D 69 21.72 -15.14 11.60
N GLY D 70 21.49 -14.19 10.71
CA GLY D 70 20.25 -14.14 9.97
C GLY D 70 20.37 -14.80 8.60
N SER D 71 19.25 -15.26 8.07
CA SER D 71 19.22 -15.81 6.73
C SER D 71 17.79 -15.84 6.24
N GLY D 72 17.63 -16.21 4.97
CA GLY D 72 16.33 -16.19 4.34
C GLY D 72 16.24 -15.11 3.28
N SER D 73 15.18 -15.19 2.49
CA SER D 73 14.98 -14.30 1.38
C SER D 73 13.48 -14.31 1.07
N GLY D 74 13.00 -13.22 0.48
CA GLY D 74 11.60 -13.15 0.09
C GLY D 74 10.65 -13.00 1.26
N THR D 75 9.95 -14.09 1.58
CA THR D 75 8.95 -14.10 2.64
C THR D 75 9.37 -14.90 3.87
N ASP D 76 10.42 -15.69 3.76
CA ASP D 76 10.83 -16.56 4.85
C ASP D 76 12.20 -16.23 5.40
N PHE D 77 12.26 -15.94 6.70
CA PHE D 77 13.51 -15.52 7.34
C PHE D 77 13.78 -16.28 8.64
N THR D 78 15.06 -16.44 8.98
CA THR D 78 15.46 -17.26 10.11
C THR D 78 16.54 -16.57 10.93
N LEU D 79 16.30 -16.49 12.25
CA LEU D 79 17.34 -16.07 13.17
C LEU D 79 17.87 -17.30 13.88
N THR D 80 19.14 -17.60 13.68
CA THR D 80 19.77 -18.71 14.37
C THR D 80 20.67 -18.20 15.48
N ILE D 81 20.67 -18.95 16.59
CA ILE D 81 21.57 -18.67 17.69
C ILE D 81 22.27 -19.97 18.07
N SER D 82 23.45 -20.19 17.51
CA SER D 82 24.23 -21.35 17.90
C SER D 82 24.82 -21.08 19.28
N SER D 83 25.38 -22.12 19.88
CA SER D 83 26.05 -22.00 21.16
C SER D 83 25.31 -21.06 22.13
N LEU D 84 24.04 -21.36 22.38
CA LEU D 84 23.21 -20.54 23.25
C LEU D 84 23.89 -20.26 24.59
N GLN D 85 23.95 -18.98 24.97
CA GLN D 85 24.50 -18.59 26.28
C GLN D 85 23.37 -18.15 27.22
N PRO D 86 23.65 -18.14 28.54
CA PRO D 86 22.69 -17.71 29.56
C PRO D 86 22.20 -16.28 29.43
N GLU D 87 23.03 -15.39 28.91
CA GLU D 87 22.66 -13.98 28.78
C GLU D 87 21.78 -13.77 27.56
N ASP D 88 21.54 -14.86 26.85
CA ASP D 88 20.75 -14.85 25.63
C ASP D 88 19.26 -15.02 25.91
N PHE D 89 18.91 -15.22 27.17
CA PHE D 89 17.50 -15.25 27.52
C PHE D 89 16.90 -13.89 27.19
N ALA D 90 15.86 -13.88 26.36
CA ALA D 90 15.23 -12.63 25.97
C ALA D 90 14.16 -12.93 24.97
N THR D 91 13.54 -11.89 24.45
CA THR D 91 12.53 -12.02 23.44
C THR D 91 13.08 -11.45 22.16
N TYR D 92 12.99 -12.22 21.10
CA TYR D 92 13.54 -11.82 19.83
C TYR D 92 12.42 -11.40 18.89
N TYR D 93 12.59 -10.24 18.29
CA TYR D 93 11.58 -9.70 17.39
C TYR D 93 12.14 -9.57 15.98
N CYS D 94 11.45 -10.15 15.01
CA CYS D 94 11.73 -9.82 13.63
C CYS D 94 10.90 -8.61 13.28
N GLN D 95 11.49 -7.68 12.54
CA GLN D 95 10.74 -6.52 12.05
C GLN D 95 11.03 -6.28 10.58
N GLN D 96 9.96 -6.01 9.82
CA GLN D 96 10.15 -5.52 8.47
C GLN D 96 10.12 -4.00 8.47
N TYR D 97 11.05 -3.40 7.75
CA TYR D 97 11.07 -1.96 7.52
C TYR D 97 11.13 -1.71 6.02
N TYR D 98 10.34 -2.50 5.31
CA TYR D 98 10.26 -2.41 3.87
C TYR D 98 9.16 -1.43 3.42
N ALA D 99 8.12 -1.32 4.22
CA ALA D 99 6.99 -0.44 3.92
C ALA D 99 6.36 0.03 5.23
N TYR D 100 5.59 1.10 5.18
CA TYR D 100 4.89 1.60 6.38
C TYR D 100 3.45 1.15 6.38
N PRO D 101 2.86 0.93 7.57
CA PRO D 101 3.51 1.10 8.86
C PRO D 101 4.49 -0.04 9.07
N TRP D 102 5.60 0.24 9.71
CA TRP D 102 6.52 -0.82 10.06
C TRP D 102 5.84 -1.82 10.99
N THR D 103 6.18 -3.09 10.85
CA THR D 103 5.53 -4.11 11.66
C THR D 103 6.52 -5.12 12.21
N PHE D 104 6.27 -5.57 13.44
CA PHE D 104 7.10 -6.59 14.10
C PHE D 104 6.39 -7.95 14.14
N GLY D 105 7.15 -9.01 14.34
CA GLY D 105 6.59 -10.32 14.66
C GLY D 105 6.13 -10.32 16.11
N GLN D 106 5.29 -11.28 16.46
CA GLN D 106 4.77 -11.43 17.82
C GLN D 106 5.88 -11.47 18.88
N GLY D 107 7.08 -11.90 18.48
CA GLY D 107 8.20 -12.02 19.40
C GLY D 107 8.30 -13.43 19.93
N THR D 108 9.52 -13.93 20.06
CA THR D 108 9.72 -15.29 20.59
C THR D 108 10.45 -15.23 21.93
N LYS D 109 9.80 -15.75 22.96
CA LYS D 109 10.40 -15.82 24.31
C LYS D 109 11.36 -17.00 24.41
N VAL D 110 12.59 -16.70 24.78
CA VAL D 110 13.64 -17.71 24.84
C VAL D 110 14.11 -17.95 26.26
N GLU D 111 13.93 -19.17 26.76
CA GLU D 111 14.35 -19.47 28.11
C GLU D 111 15.44 -20.54 28.13
N ILE D 112 16.27 -20.50 29.16
CA ILE D 112 17.42 -21.38 29.26
C ILE D 112 17.13 -22.58 30.14
N LYS D 113 17.21 -23.77 29.56
CA LYS D 113 17.13 -24.99 30.34
C LYS D 113 18.41 -25.12 31.11
N ARG D 114 18.32 -25.70 32.29
CA ARG D 114 19.49 -25.94 33.13
C ARG D 114 19.15 -27.02 34.15
N THR D 115 20.16 -27.58 34.80
CA THR D 115 19.93 -28.64 35.77
C THR D 115 18.91 -28.18 36.82
N VAL D 116 18.10 -29.12 37.28
CA VAL D 116 17.11 -28.83 38.30
C VAL D 116 17.82 -28.22 39.52
N ALA D 117 17.22 -27.19 40.11
CA ALA D 117 17.79 -26.54 41.29
C ALA D 117 16.69 -26.19 42.28
N ALA D 118 16.75 -26.78 43.48
CA ALA D 118 15.72 -26.59 44.48
C ALA D 118 15.75 -25.19 45.07
N PRO D 119 14.57 -24.67 45.45
CA PRO D 119 14.46 -23.32 46.02
C PRO D 119 14.80 -23.26 47.50
N SER D 120 15.25 -22.12 47.98
CA SER D 120 15.33 -21.90 49.40
C SER D 120 14.03 -21.21 49.77
N VAL D 121 13.37 -21.67 50.83
CA VAL D 121 12.07 -21.14 51.19
C VAL D 121 12.17 -20.30 52.46
N PHE D 122 11.51 -19.15 52.46
CA PHE D 122 11.48 -18.28 53.64
C PHE D 122 10.07 -17.80 53.87
N ILE D 123 9.75 -17.46 55.12
CA ILE D 123 8.42 -16.94 55.44
C ILE D 123 8.50 -15.66 56.26
N PHE D 124 7.59 -14.73 55.97
CA PHE D 124 7.54 -13.46 56.67
C PHE D 124 6.18 -13.19 57.30
N PRO D 125 6.16 -12.91 58.61
CA PRO D 125 4.95 -12.52 59.29
C PRO D 125 4.56 -11.09 58.93
N PRO D 126 3.27 -10.76 59.07
CA PRO D 126 2.97 -9.34 58.90
C PRO D 126 3.84 -8.52 59.85
N SER D 127 4.11 -7.27 59.50
CA SER D 127 4.82 -6.39 60.40
C SER D 127 3.81 -5.75 61.37
N ASP D 128 4.21 -5.60 62.63
CA ASP D 128 3.36 -4.94 63.60
C ASP D 128 2.80 -3.63 63.03
N GLU D 129 3.64 -2.87 62.35
CA GLU D 129 3.26 -1.60 61.74
C GLU D 129 2.08 -1.76 60.79
N GLN D 130 2.10 -2.85 60.03
CA GLN D 130 1.05 -3.15 59.08
C GLN D 130 -0.26 -3.53 59.78
N LEU D 131 -0.14 -4.21 60.92
CA LEU D 131 -1.30 -4.60 61.71
C LEU D 131 -2.03 -3.39 62.28
N LYS D 132 -1.29 -2.30 62.48
CA LYS D 132 -1.88 -1.03 62.88
C LYS D 132 -2.84 -0.55 61.79
N SER D 133 -2.60 -1.02 60.57
CA SER D 133 -3.42 -0.65 59.41
C SER D 133 -4.79 -1.33 59.42
N GLY D 134 -4.81 -2.61 59.79
CA GLY D 134 -6.06 -3.36 59.79
C GLY D 134 -6.04 -4.58 58.88
N THR D 135 -4.91 -4.79 58.20
CA THR D 135 -4.74 -5.93 57.31
C THR D 135 -3.46 -6.67 57.68
N ALA D 136 -3.37 -7.92 57.28
CA ALA D 136 -2.17 -8.73 57.48
C ALA D 136 -1.70 -9.35 56.18
N SER D 137 -0.42 -9.13 55.86
CA SER D 137 0.20 -9.79 54.71
C SER D 137 1.26 -10.76 55.17
N VAL D 138 1.17 -12.01 54.71
CA VAL D 138 2.17 -13.01 55.04
C VAL D 138 2.88 -13.41 53.77
N VAL D 139 4.19 -13.25 53.75
CA VAL D 139 4.96 -13.41 52.53
C VAL D 139 5.80 -14.69 52.56
N CYS D 140 5.81 -15.40 51.43
CA CYS D 140 6.62 -16.59 51.31
C CYS D 140 7.57 -16.46 50.15
N LEU D 141 8.87 -16.56 50.41
CA LEU D 141 9.86 -16.38 49.36
C LEU D 141 10.42 -17.70 48.85
N LEU D 142 10.37 -17.88 47.53
CA LEU D 142 10.97 -19.03 46.87
C LEU D 142 12.18 -18.58 46.08
N ASN D 143 13.36 -18.84 46.61
CA ASN D 143 14.58 -18.27 46.06
C ASN D 143 15.31 -19.17 45.07
N ASN D 144 15.64 -18.60 43.90
CA ASN D 144 16.61 -19.18 42.98
C ASN D 144 16.44 -20.66 42.62
N PHE D 145 15.34 -21.00 41.94
CA PHE D 145 15.04 -22.39 41.60
C PHE D 145 14.87 -22.58 40.09
N TYR D 146 15.07 -23.80 39.63
CA TYR D 146 14.73 -24.17 38.27
C TYR D 146 14.19 -25.59 38.29
N PRO D 147 13.17 -25.88 37.47
CA PRO D 147 12.50 -24.97 36.54
C PRO D 147 11.42 -24.11 37.22
N ARG D 148 10.65 -23.40 36.40
CA ARG D 148 9.70 -22.42 36.89
C ARG D 148 8.51 -23.03 37.59
N GLU D 149 8.05 -24.17 37.08
CA GLU D 149 6.86 -24.83 37.63
C GLU D 149 7.03 -25.16 39.11
N ALA D 150 6.31 -24.44 39.94
CA ALA D 150 6.40 -24.59 41.38
C ALA D 150 5.01 -24.42 41.96
N LYS D 151 4.70 -25.17 43.01
CA LYS D 151 3.42 -24.99 43.66
C LYS D 151 3.62 -24.50 45.09
N VAL D 152 2.85 -23.49 45.46
CA VAL D 152 2.85 -23.00 46.83
C VAL D 152 1.47 -23.16 47.41
N GLN D 153 1.39 -23.78 48.57
CA GLN D 153 0.12 -23.93 49.29
C GLN D 153 0.22 -23.31 50.67
N TRP D 154 -0.68 -22.38 50.96
CA TRP D 154 -0.76 -21.77 52.26
C TRP D 154 -1.62 -22.62 53.20
N LYS D 155 -1.25 -22.62 54.48
CA LYS D 155 -1.98 -23.33 55.51
C LYS D 155 -2.01 -22.53 56.81
N VAL D 156 -3.20 -22.35 57.36
CA VAL D 156 -3.35 -21.69 58.66
C VAL D 156 -3.98 -22.65 59.65
N ASP D 157 -3.35 -22.82 60.80
CA ASP D 157 -3.81 -23.80 61.79
C ASP D 157 -4.15 -25.05 61.01
N ASN D 158 -3.38 -25.26 59.95
CA ASN D 158 -3.44 -26.43 59.10
C ASN D 158 -4.57 -26.49 58.08
N ALA D 159 -5.17 -25.36 57.75
CA ALA D 159 -6.25 -25.36 56.77
C ALA D 159 -5.78 -24.75 55.45
N LEU D 160 -6.04 -25.45 54.34
CA LEU D 160 -5.64 -24.95 53.02
C LEU D 160 -6.37 -23.66 52.70
N GLN D 161 -5.75 -22.84 51.84
CA GLN D 161 -6.36 -21.56 51.49
C GLN D 161 -6.69 -21.52 50.00
N SER D 162 -7.80 -20.84 49.67
CA SER D 162 -8.16 -20.62 48.27
C SER D 162 -8.42 -19.15 47.94
N GLY D 163 -7.79 -18.68 46.87
CA GLY D 163 -8.03 -17.33 46.35
C GLY D 163 -7.81 -16.19 47.31
N ASN D 164 -6.90 -16.36 48.26
CA ASN D 164 -6.55 -15.29 49.19
C ASN D 164 -5.06 -14.94 49.10
N SER D 165 -4.42 -15.42 48.03
CA SER D 165 -3.00 -15.20 47.80
C SER D 165 -2.70 -14.87 46.33
N GLN D 166 -1.51 -14.32 46.08
CA GLN D 166 -1.06 -13.98 44.73
C GLN D 166 0.45 -14.18 44.60
N GLU D 167 0.91 -14.45 43.38
CA GLU D 167 2.33 -14.69 43.17
C GLU D 167 2.92 -13.86 42.04
N SER D 168 4.16 -13.43 42.20
CA SER D 168 4.91 -12.96 41.04
C SER D 168 6.22 -13.74 40.93
N VAL D 169 6.71 -13.87 39.69
CA VAL D 169 7.92 -14.60 39.42
C VAL D 169 8.87 -13.65 38.70
N THR D 170 10.13 -13.63 39.12
CA THR D 170 11.12 -12.79 38.47
C THR D 170 11.46 -13.33 37.07
N GLU D 171 11.99 -12.46 36.24
CA GLU D 171 12.53 -12.86 34.94
C GLU D 171 13.73 -13.76 35.20
N GLN D 172 13.94 -14.73 34.32
CA GLN D 172 15.07 -15.64 34.46
C GLN D 172 16.33 -14.81 34.68
N ASP D 173 17.26 -15.38 35.44
CA ASP D 173 18.48 -14.67 35.75
C ASP D 173 19.51 -14.90 34.63
N SER D 174 20.06 -13.80 34.12
CA SER D 174 20.93 -13.82 32.96
C SER D 174 22.18 -14.68 33.11
N LYS D 175 22.54 -15.03 34.33
CA LYS D 175 23.75 -15.84 34.55
C LYS D 175 23.50 -17.15 35.32
N ASP D 176 22.51 -17.17 36.20
CA ASP D 176 22.15 -18.39 36.93
C ASP D 176 21.16 -19.25 36.16
N SER D 177 20.35 -18.61 35.31
CA SER D 177 19.23 -19.25 34.62
C SER D 177 18.16 -19.76 35.59
N THR D 178 17.98 -19.05 36.69
CA THR D 178 16.99 -19.42 37.70
C THR D 178 15.88 -18.37 37.82
N TYR D 179 14.82 -18.73 38.53
CA TYR D 179 13.75 -17.83 38.85
C TYR D 179 13.63 -17.71 40.37
N SER D 180 12.92 -16.68 40.82
CA SER D 180 12.51 -16.56 42.22
C SER D 180 11.02 -16.24 42.27
N LEU D 181 10.33 -16.66 43.33
CA LEU D 181 8.89 -16.50 43.39
C LEU D 181 8.46 -15.86 44.71
N SER D 182 7.37 -15.11 44.65
CA SER D 182 6.86 -14.46 45.84
C SER D 182 5.37 -14.70 45.98
N SER D 183 4.95 -15.24 47.11
CA SER D 183 3.53 -15.50 47.34
C SER D 183 3.07 -14.78 48.60
N THR D 184 2.02 -13.98 48.44
CA THR D 184 1.50 -13.19 49.54
C THR D 184 0.13 -13.71 49.90
N LEU D 185 -0.03 -14.02 51.19
CA LEU D 185 -1.32 -14.34 51.79
C LEU D 185 -1.91 -13.04 52.34
N THR D 186 -3.13 -12.70 51.93
CA THR D 186 -3.76 -11.50 52.47
C THR D 186 -5.00 -11.80 53.32
N LEU D 187 -5.06 -11.20 54.50
CA LEU D 187 -6.11 -11.49 55.48
C LEU D 187 -6.51 -10.26 56.28
N SER D 188 -7.74 -10.24 56.76
CA SER D 188 -8.16 -9.21 57.70
C SER D 188 -7.43 -9.43 59.02
N LYS D 189 -7.17 -8.33 59.75
CA LYS D 189 -6.53 -8.42 61.07
C LYS D 189 -7.33 -9.36 61.97
N ALA D 190 -8.65 -9.28 61.87
CA ALA D 190 -9.55 -10.14 62.62
C ALA D 190 -9.24 -11.61 62.35
N ASP D 191 -9.30 -12.00 61.08
CA ASP D 191 -9.06 -13.39 60.69
C ASP D 191 -7.64 -13.85 61.03
N TYR D 192 -6.70 -12.90 61.04
CA TYR D 192 -5.30 -13.20 61.39
C TYR D 192 -5.09 -13.47 62.89
N GLU D 193 -5.59 -12.58 63.73
CA GLU D 193 -5.40 -12.71 65.18
C GLU D 193 -6.20 -13.87 65.74
N LYS D 194 -6.99 -14.50 64.89
CA LYS D 194 -7.92 -15.54 65.31
C LYS D 194 -7.31 -16.93 65.14
N HIS D 195 -6.13 -16.99 64.51
CA HIS D 195 -5.47 -18.26 64.25
C HIS D 195 -4.02 -18.27 64.72
N LYS D 196 -3.44 -19.47 64.80
CA LYS D 196 -2.14 -19.65 65.46
C LYS D 196 -0.99 -19.98 64.52
N VAL D 197 -1.09 -21.09 63.80
CA VAL D 197 -0.01 -21.53 62.91
C VAL D 197 -0.19 -21.09 61.45
N TYR D 198 0.86 -20.49 60.89
CA TYR D 198 0.88 -20.04 59.50
C TYR D 198 2.00 -20.71 58.74
N ALA D 199 1.65 -21.50 57.72
CA ALA D 199 2.64 -22.24 56.97
C ALA D 199 2.59 -22.00 55.46
N CYS D 200 3.77 -22.08 54.84
CA CYS D 200 3.92 -22.01 53.41
C CYS D 200 4.51 -23.34 52.95
N GLU D 201 3.81 -24.02 52.05
CA GLU D 201 4.23 -25.37 51.65
C GLU D 201 4.56 -25.47 50.15
N VAL D 202 5.84 -25.69 49.86
CA VAL D 202 6.33 -25.69 48.49
C VAL D 202 6.57 -27.08 47.90
N THR D 203 6.12 -27.27 46.67
CA THR D 203 6.40 -28.48 45.92
C THR D 203 7.22 -28.11 44.69
N HIS D 204 8.34 -28.79 44.50
CA HIS D 204 9.19 -28.53 43.34
C HIS D 204 9.89 -29.81 42.86
N GLN D 205 10.23 -29.85 41.59
CA GLN D 205 10.97 -30.97 41.00
C GLN D 205 12.31 -31.15 41.71
N GLY D 206 12.75 -30.15 42.46
CA GLY D 206 14.04 -30.19 43.14
C GLY D 206 13.98 -30.71 44.56
N LEU D 207 12.77 -30.95 45.05
CA LEU D 207 12.59 -31.43 46.41
C LEU D 207 12.10 -32.89 46.44
N SER D 208 12.85 -33.76 47.13
CA SER D 208 12.46 -35.16 47.29
C SER D 208 10.97 -35.24 47.60
N SER D 209 10.57 -34.44 48.59
CA SER D 209 9.17 -34.29 48.99
C SER D 209 8.95 -32.84 49.38
N PRO D 210 7.68 -32.41 49.50
CA PRO D 210 7.35 -31.00 49.74
C PRO D 210 8.04 -30.42 50.97
N VAL D 211 8.31 -29.12 50.94
CA VAL D 211 8.97 -28.43 52.04
C VAL D 211 8.05 -27.40 52.68
N THR D 212 8.01 -27.37 54.00
CA THR D 212 7.18 -26.42 54.74
C THR D 212 8.02 -25.47 55.59
N LYS D 213 7.66 -24.19 55.56
CA LYS D 213 8.23 -23.21 56.48
C LYS D 213 7.06 -22.52 57.16
N SER D 214 7.17 -22.32 58.46
CA SER D 214 6.05 -21.79 59.23
C SER D 214 6.54 -20.99 60.45
N PHE D 215 5.63 -20.22 61.03
CA PHE D 215 5.88 -19.52 62.29
C PHE D 215 4.59 -19.44 63.07
N ASN D 216 4.69 -19.12 64.36
CA ASN D 216 3.50 -18.98 65.20
C ASN D 216 3.23 -17.53 65.60
N ARG D 217 1.97 -17.10 65.44
CA ARG D 217 1.56 -15.75 65.77
C ARG D 217 1.70 -15.47 67.27
#